data_5FR6
# 
_entry.id   5FR6 
# 
_audit_conform.dict_name       mmcif_pdbx.dic 
_audit_conform.dict_version    5.383 
_audit_conform.dict_location   http://mmcif.pdb.org/dictionaries/ascii/mmcif_pdbx.dic 
# 
loop_
_database_2.database_id 
_database_2.database_code 
_database_2.pdbx_database_accession 
_database_2.pdbx_DOI 
PDB   5FR6         pdb_00005fr6 10.2210/pdb5fr6/pdb 
PDBE  EBI-65816    ?            ?                   
WWPDB D_1290065816 ?            ?                   
# 
loop_
_pdbx_audit_revision_history.ordinal 
_pdbx_audit_revision_history.data_content_type 
_pdbx_audit_revision_history.major_revision 
_pdbx_audit_revision_history.minor_revision 
_pdbx_audit_revision_history.revision_date 
1 'Structure model' 1 0 2016-11-16 
2 'Structure model' 1 1 2016-11-23 
3 'Structure model' 1 2 2024-01-10 
# 
_pdbx_audit_revision_details.ordinal             1 
_pdbx_audit_revision_details.revision_ordinal    1 
_pdbx_audit_revision_details.data_content_type   'Structure model' 
_pdbx_audit_revision_details.provider            repository 
_pdbx_audit_revision_details.type                'Initial release' 
_pdbx_audit_revision_details.description         ? 
_pdbx_audit_revision_details.details             ? 
# 
loop_
_pdbx_audit_revision_group.ordinal 
_pdbx_audit_revision_group.revision_ordinal 
_pdbx_audit_revision_group.data_content_type 
_pdbx_audit_revision_group.group 
1 2 'Structure model' 'Database references'    
2 3 'Structure model' 'Data collection'        
3 3 'Structure model' 'Database references'    
4 3 'Structure model' Other                    
5 3 'Structure model' 'Refinement description' 
# 
loop_
_pdbx_audit_revision_category.ordinal 
_pdbx_audit_revision_category.revision_ordinal 
_pdbx_audit_revision_category.data_content_type 
_pdbx_audit_revision_category.category 
1 3 'Structure model' chem_comp_atom                
2 3 'Structure model' chem_comp_bond                
3 3 'Structure model' database_2                    
4 3 'Structure model' pdbx_database_status          
5 3 'Structure model' pdbx_initial_refinement_model 
# 
loop_
_pdbx_audit_revision_item.ordinal 
_pdbx_audit_revision_item.revision_ordinal 
_pdbx_audit_revision_item.data_content_type 
_pdbx_audit_revision_item.item 
1 3 'Structure model' '_database_2.pdbx_DOI'                 
2 3 'Structure model' '_database_2.pdbx_database_accession'  
3 3 'Structure model' '_pdbx_database_status.status_code_sf' 
# 
_pdbx_database_status.status_code                     REL 
_pdbx_database_status.entry_id                        5FR6 
_pdbx_database_status.deposit_site                    PDBE 
_pdbx_database_status.process_site                    PDBE 
_pdbx_database_status.SG_entry                        . 
_pdbx_database_status.recvd_initial_deposition_date   2015-12-15 
_pdbx_database_status.pdb_format_compatible           Y 
_pdbx_database_status.status_code_sf                  REL 
_pdbx_database_status.status_code_mr                  ? 
_pdbx_database_status.status_code_cs                  ? 
_pdbx_database_status.methods_development_category    ? 
_pdbx_database_status.status_code_nmr_data            ? 
# 
loop_
_audit_author.name 
_audit_author.pdbx_ordinal 
'Gray, F.'      1 
'Cho, H.J.'     2 
'Cierpicki, T.' 3 
# 
_citation.id                        primary 
_citation.title                     'Bmi1 Regulates Prc1 Architecture and Activity Through Homo-and Hetero-Oligomerization' 
_citation.journal_abbrev            Nat.Commun. 
_citation.journal_volume            7 
_citation.page_first                13343 
_citation.page_last                 ? 
_citation.year                      2016 
_citation.journal_id_ASTM           ? 
_citation.country                   UK 
_citation.journal_id_ISSN           2041-1723 
_citation.journal_id_CSD            ? 
_citation.book_publisher            ? 
_citation.pdbx_database_id_PubMed   27827373 
_citation.pdbx_database_id_DOI      10.1038/NCOMMS13343 
# 
loop_
_citation_author.citation_id 
_citation_author.name 
_citation_author.ordinal 
_citation_author.identifier_ORCID 
primary 'Gray, F.'      1  ? 
primary 'Cho, H.J.'     2  ? 
primary 'Shihan, S.'    3  ? 
primary 'Harris, A.'    4  ? 
primary 'Boytsov, B.'   5  ? 
primary 'Jaremko, L.'   6  ? 
primary 'Jaremko, M.'   7  ? 
primary 'Demeler, B.'   8  ? 
primary 'Lawlor, E.R.'  9  ? 
primary 'Grembecka, J.' 10 ? 
primary 'Cierpicki, T.' 11 ? 
# 
loop_
_entity.id 
_entity.type 
_entity.src_method 
_entity.pdbx_description 
_entity.formula_weight 
_entity.pdbx_number_of_molecules 
_entity.pdbx_ec 
_entity.pdbx_mutation 
_entity.pdbx_fragment 
_entity.details 
1 polymer man 'POLYCOMB COMPLEX PROTEIN BMI-1' 14098.457 1  ? ? 'POLYCOMB COMPLEX, UNP RESIDUES 121-235' ? 
2 water   nat water                            18.015    32 ? ? ?                                        ? 
# 
_entity_name_com.entity_id   1 
_entity_name_com.name        'BMI1, OLYCOMB GROUP RING FINGER PROTEIN 4, RING FINGER PROTEIN 51' 
# 
_entity_poly.entity_id                      1 
_entity_poly.type                           'polypeptide(L)' 
_entity_poly.nstd_linkage                   no 
_entity_poly.nstd_monomer                   no 
_entity_poly.pdbx_seq_one_letter_code       
;DKRIITDDEIISLSIEFFDQNRLDRKVNKDKEKSKEEVNDKRYLRCPAAMTVMHLRKFLRSKMDIPNTFQIDVMYEEEPL
KDYYTLMDIAYIYTWRRNGPLPLKYRVRPTCKRMK
;
_entity_poly.pdbx_seq_one_letter_code_can   
;DKRIITDDEIISLSIEFFDQNRLDRKVNKDKEKSKEEVNDKRYLRCPAAMTVMHLRKFLRSKMDIPNTFQIDVMYEEEPL
KDYYTLMDIAYIYTWRRNGPLPLKYRVRPTCKRMK
;
_entity_poly.pdbx_strand_id                 A 
_entity_poly.pdbx_target_identifier         ? 
# 
_pdbx_entity_nonpoly.entity_id   2 
_pdbx_entity_nonpoly.name        water 
_pdbx_entity_nonpoly.comp_id     HOH 
# 
loop_
_entity_poly_seq.entity_id 
_entity_poly_seq.num 
_entity_poly_seq.mon_id 
_entity_poly_seq.hetero 
1 1   ASP n 
1 2   LYS n 
1 3   ARG n 
1 4   ILE n 
1 5   ILE n 
1 6   THR n 
1 7   ASP n 
1 8   ASP n 
1 9   GLU n 
1 10  ILE n 
1 11  ILE n 
1 12  SER n 
1 13  LEU n 
1 14  SER n 
1 15  ILE n 
1 16  GLU n 
1 17  PHE n 
1 18  PHE n 
1 19  ASP n 
1 20  GLN n 
1 21  ASN n 
1 22  ARG n 
1 23  LEU n 
1 24  ASP n 
1 25  ARG n 
1 26  LYS n 
1 27  VAL n 
1 28  ASN n 
1 29  LYS n 
1 30  ASP n 
1 31  LYS n 
1 32  GLU n 
1 33  LYS n 
1 34  SER n 
1 35  LYS n 
1 36  GLU n 
1 37  GLU n 
1 38  VAL n 
1 39  ASN n 
1 40  ASP n 
1 41  LYS n 
1 42  ARG n 
1 43  TYR n 
1 44  LEU n 
1 45  ARG n 
1 46  CYS n 
1 47  PRO n 
1 48  ALA n 
1 49  ALA n 
1 50  MET n 
1 51  THR n 
1 52  VAL n 
1 53  MET n 
1 54  HIS n 
1 55  LEU n 
1 56  ARG n 
1 57  LYS n 
1 58  PHE n 
1 59  LEU n 
1 60  ARG n 
1 61  SER n 
1 62  LYS n 
1 63  MET n 
1 64  ASP n 
1 65  ILE n 
1 66  PRO n 
1 67  ASN n 
1 68  THR n 
1 69  PHE n 
1 70  GLN n 
1 71  ILE n 
1 72  ASP n 
1 73  VAL n 
1 74  MET n 
1 75  TYR n 
1 76  GLU n 
1 77  GLU n 
1 78  GLU n 
1 79  PRO n 
1 80  LEU n 
1 81  LYS n 
1 82  ASP n 
1 83  TYR n 
1 84  TYR n 
1 85  THR n 
1 86  LEU n 
1 87  MET n 
1 88  ASP n 
1 89  ILE n 
1 90  ALA n 
1 91  TYR n 
1 92  ILE n 
1 93  TYR n 
1 94  THR n 
1 95  TRP n 
1 96  ARG n 
1 97  ARG n 
1 98  ASN n 
1 99  GLY n 
1 100 PRO n 
1 101 LEU n 
1 102 PRO n 
1 103 LEU n 
1 104 LYS n 
1 105 TYR n 
1 106 ARG n 
1 107 VAL n 
1 108 ARG n 
1 109 PRO n 
1 110 THR n 
1 111 CYS n 
1 112 LYS n 
1 113 ARG n 
1 114 MET n 
1 115 LYS n 
# 
_entity_src_gen.entity_id                          1 
_entity_src_gen.pdbx_src_id                        1 
_entity_src_gen.pdbx_alt_source_flag               sample 
_entity_src_gen.pdbx_seq_type                      ? 
_entity_src_gen.pdbx_beg_seq_num                   ? 
_entity_src_gen.pdbx_end_seq_num                   ? 
_entity_src_gen.gene_src_common_name               HUMAN 
_entity_src_gen.gene_src_genus                     ? 
_entity_src_gen.pdbx_gene_src_gene                 ? 
_entity_src_gen.gene_src_species                   ? 
_entity_src_gen.gene_src_strain                    ? 
_entity_src_gen.gene_src_tissue                    ? 
_entity_src_gen.gene_src_tissue_fraction           ? 
_entity_src_gen.gene_src_details                   ? 
_entity_src_gen.pdbx_gene_src_fragment             ? 
_entity_src_gen.pdbx_gene_src_scientific_name      'HOMO SAPIENS' 
_entity_src_gen.pdbx_gene_src_ncbi_taxonomy_id     9606 
_entity_src_gen.pdbx_gene_src_variant              ? 
_entity_src_gen.pdbx_gene_src_cell_line            ? 
_entity_src_gen.pdbx_gene_src_atcc                 ? 
_entity_src_gen.pdbx_gene_src_organ                ? 
_entity_src_gen.pdbx_gene_src_organelle            ? 
_entity_src_gen.pdbx_gene_src_cell                 ? 
_entity_src_gen.pdbx_gene_src_cellular_location    ? 
_entity_src_gen.host_org_common_name               ? 
_entity_src_gen.pdbx_host_org_scientific_name      'ESCHERICHIA COLI' 
_entity_src_gen.pdbx_host_org_ncbi_taxonomy_id     511693 
_entity_src_gen.host_org_genus                     ? 
_entity_src_gen.pdbx_host_org_gene                 ? 
_entity_src_gen.pdbx_host_org_organ                ? 
_entity_src_gen.host_org_species                   ? 
_entity_src_gen.pdbx_host_org_tissue               ? 
_entity_src_gen.pdbx_host_org_tissue_fraction      ? 
_entity_src_gen.pdbx_host_org_strain               BL21 
_entity_src_gen.pdbx_host_org_variant              ROSETTA2 
_entity_src_gen.pdbx_host_org_cell_line            ? 
_entity_src_gen.pdbx_host_org_atcc                 ? 
_entity_src_gen.pdbx_host_org_culture_collection   ? 
_entity_src_gen.pdbx_host_org_cell                 ? 
_entity_src_gen.pdbx_host_org_organelle            ? 
_entity_src_gen.pdbx_host_org_cellular_location    ? 
_entity_src_gen.pdbx_host_org_vector_type          PLASMID 
_entity_src_gen.pdbx_host_org_vector               ? 
_entity_src_gen.host_org_details                   ? 
_entity_src_gen.expression_system_id               ? 
_entity_src_gen.plasmid_name                       PET32A 
_entity_src_gen.plasmid_details                    ? 
_entity_src_gen.pdbx_description                   ? 
# 
loop_
_chem_comp.id 
_chem_comp.type 
_chem_comp.mon_nstd_flag 
_chem_comp.name 
_chem_comp.pdbx_synonyms 
_chem_comp.formula 
_chem_comp.formula_weight 
ALA 'L-peptide linking' y ALANINE         ? 'C3 H7 N O2'     89.093  
ARG 'L-peptide linking' y ARGININE        ? 'C6 H15 N4 O2 1' 175.209 
ASN 'L-peptide linking' y ASPARAGINE      ? 'C4 H8 N2 O3'    132.118 
ASP 'L-peptide linking' y 'ASPARTIC ACID' ? 'C4 H7 N O4'     133.103 
CYS 'L-peptide linking' y CYSTEINE        ? 'C3 H7 N O2 S'   121.158 
GLN 'L-peptide linking' y GLUTAMINE       ? 'C5 H10 N2 O3'   146.144 
GLU 'L-peptide linking' y 'GLUTAMIC ACID' ? 'C5 H9 N O4'     147.129 
GLY 'peptide linking'   y GLYCINE         ? 'C2 H5 N O2'     75.067  
HIS 'L-peptide linking' y HISTIDINE       ? 'C6 H10 N3 O2 1' 156.162 
HOH non-polymer         . WATER           ? 'H2 O'           18.015  
ILE 'L-peptide linking' y ISOLEUCINE      ? 'C6 H13 N O2'    131.173 
LEU 'L-peptide linking' y LEUCINE         ? 'C6 H13 N O2'    131.173 
LYS 'L-peptide linking' y LYSINE          ? 'C6 H15 N2 O2 1' 147.195 
MET 'L-peptide linking' y METHIONINE      ? 'C5 H11 N O2 S'  149.211 
PHE 'L-peptide linking' y PHENYLALANINE   ? 'C9 H11 N O2'    165.189 
PRO 'L-peptide linking' y PROLINE         ? 'C5 H9 N O2'     115.130 
SER 'L-peptide linking' y SERINE          ? 'C3 H7 N O3'     105.093 
THR 'L-peptide linking' y THREONINE       ? 'C4 H9 N O3'     119.119 
TRP 'L-peptide linking' y TRYPTOPHAN      ? 'C11 H12 N2 O2'  204.225 
TYR 'L-peptide linking' y TYROSINE        ? 'C9 H11 N O3'    181.189 
VAL 'L-peptide linking' y VALINE          ? 'C5 H11 N O2'    117.146 
# 
loop_
_pdbx_poly_seq_scheme.asym_id 
_pdbx_poly_seq_scheme.entity_id 
_pdbx_poly_seq_scheme.seq_id 
_pdbx_poly_seq_scheme.mon_id 
_pdbx_poly_seq_scheme.ndb_seq_num 
_pdbx_poly_seq_scheme.pdb_seq_num 
_pdbx_poly_seq_scheme.auth_seq_num 
_pdbx_poly_seq_scheme.pdb_mon_id 
_pdbx_poly_seq_scheme.auth_mon_id 
_pdbx_poly_seq_scheme.pdb_strand_id 
_pdbx_poly_seq_scheme.pdb_ins_code 
_pdbx_poly_seq_scheme.hetero 
A 1 1   ASP 1   121 ?   ?   ?   A . n 
A 1 2   LYS 2   122 ?   ?   ?   A . n 
A 1 3   ARG 3   123 ?   ?   ?   A . n 
A 1 4   ILE 4   124 ?   ?   ?   A . n 
A 1 5   ILE 5   125 ?   ?   ?   A . n 
A 1 6   THR 6   126 ?   ?   ?   A . n 
A 1 7   ASP 7   127 127 ASP ASP A . n 
A 1 8   ASP 8   128 128 ASP ASP A . n 
A 1 9   GLU 9   129 129 GLU GLU A . n 
A 1 10  ILE 10  130 130 ILE ILE A . n 
A 1 11  ILE 11  131 131 ILE ILE A . n 
A 1 12  SER 12  132 132 SER SER A . n 
A 1 13  LEU 13  133 133 LEU LEU A . n 
A 1 14  SER 14  134 134 SER SER A . n 
A 1 15  ILE 15  135 135 ILE ILE A . n 
A 1 16  GLU 16  136 136 GLU GLU A . n 
A 1 17  PHE 17  137 137 PHE PHE A . n 
A 1 18  PHE 18  138 138 PHE PHE A . n 
A 1 19  ASP 19  139 ?   ?   ?   A . n 
A 1 20  GLN 20  140 ?   ?   ?   A . n 
A 1 21  ASN 21  141 ?   ?   ?   A . n 
A 1 22  ARG 22  142 ?   ?   ?   A . n 
A 1 23  LEU 23  143 ?   ?   ?   A . n 
A 1 24  ASP 24  144 ?   ?   ?   A . n 
A 1 25  ARG 25  145 ?   ?   ?   A . n 
A 1 26  LYS 26  146 ?   ?   ?   A . n 
A 1 27  VAL 27  147 ?   ?   ?   A . n 
A 1 28  ASN 28  148 ?   ?   ?   A . n 
A 1 29  LYS 29  149 ?   ?   ?   A . n 
A 1 30  ASP 30  150 ?   ?   ?   A . n 
A 1 31  LYS 31  151 ?   ?   ?   A . n 
A 1 32  GLU 32  152 ?   ?   ?   A . n 
A 1 33  LYS 33  153 ?   ?   ?   A . n 
A 1 34  SER 34  154 ?   ?   ?   A . n 
A 1 35  LYS 35  155 ?   ?   ?   A . n 
A 1 36  GLU 36  156 ?   ?   ?   A . n 
A 1 37  GLU 37  157 ?   ?   ?   A . n 
A 1 38  VAL 38  158 ?   ?   ?   A . n 
A 1 39  ASN 39  159 ?   ?   ?   A . n 
A 1 40  ASP 40  160 ?   ?   ?   A . n 
A 1 41  LYS 41  161 161 LYS LYS A . n 
A 1 42  ARG 42  162 162 ARG ARG A . n 
A 1 43  TYR 43  163 163 TYR TYR A . n 
A 1 44  LEU 44  164 164 LEU LEU A . n 
A 1 45  ARG 45  165 165 ARG ARG A . n 
A 1 46  CYS 46  166 166 CYS CYS A . n 
A 1 47  PRO 47  167 167 PRO PRO A . n 
A 1 48  ALA 48  168 168 ALA ALA A . n 
A 1 49  ALA 49  169 169 ALA ALA A . n 
A 1 50  MET 50  170 170 MET MET A . n 
A 1 51  THR 51  171 171 THR THR A . n 
A 1 52  VAL 52  172 172 VAL VAL A . n 
A 1 53  MET 53  173 173 MET MET A . n 
A 1 54  HIS 54  174 174 HIS HIS A . n 
A 1 55  LEU 55  175 175 LEU LEU A . n 
A 1 56  ARG 56  176 176 ARG ARG A . n 
A 1 57  LYS 57  177 177 LYS LYS A . n 
A 1 58  PHE 58  178 178 PHE PHE A . n 
A 1 59  LEU 59  179 179 LEU LEU A . n 
A 1 60  ARG 60  180 180 ARG ARG A . n 
A 1 61  SER 61  181 181 SER SER A . n 
A 1 62  LYS 62  182 182 LYS LYS A . n 
A 1 63  MET 63  183 183 MET MET A . n 
A 1 64  ASP 64  184 184 ASP ASP A . n 
A 1 65  ILE 65  185 185 ILE ILE A . n 
A 1 66  PRO 66  186 186 PRO PRO A . n 
A 1 67  ASN 67  187 187 ASN ASN A . n 
A 1 68  THR 68  188 188 THR THR A . n 
A 1 69  PHE 69  189 189 PHE PHE A . n 
A 1 70  GLN 70  190 190 GLN GLN A . n 
A 1 71  ILE 71  191 191 ILE ILE A . n 
A 1 72  ASP 72  192 192 ASP ASP A . n 
A 1 73  VAL 73  193 193 VAL VAL A . n 
A 1 74  MET 74  194 194 MET MET A . n 
A 1 75  TYR 75  195 195 TYR TYR A . n 
A 1 76  GLU 76  196 196 GLU GLU A . n 
A 1 77  GLU 77  197 197 GLU GLU A . n 
A 1 78  GLU 78  198 198 GLU GLU A . n 
A 1 79  PRO 79  199 199 PRO PRO A . n 
A 1 80  LEU 80  200 200 LEU LEU A . n 
A 1 81  LYS 81  201 201 LYS LYS A . n 
A 1 82  ASP 82  202 202 ASP ASP A . n 
A 1 83  TYR 83  203 203 TYR TYR A . n 
A 1 84  TYR 84  204 204 TYR TYR A . n 
A 1 85  THR 85  205 205 THR THR A . n 
A 1 86  LEU 86  206 206 LEU LEU A . n 
A 1 87  MET 87  207 207 MET MET A . n 
A 1 88  ASP 88  208 208 ASP ASP A . n 
A 1 89  ILE 89  209 209 ILE ILE A . n 
A 1 90  ALA 90  210 210 ALA ALA A . n 
A 1 91  TYR 91  211 211 TYR TYR A . n 
A 1 92  ILE 92  212 212 ILE ILE A . n 
A 1 93  TYR 93  213 213 TYR TYR A . n 
A 1 94  THR 94  214 214 THR THR A . n 
A 1 95  TRP 95  215 215 TRP TRP A . n 
A 1 96  ARG 96  216 216 ARG ARG A . n 
A 1 97  ARG 97  217 217 ARG ARG A . n 
A 1 98  ASN 98  218 218 ASN ASN A . n 
A 1 99  GLY 99  219 219 GLY GLY A . n 
A 1 100 PRO 100 220 220 PRO PRO A . n 
A 1 101 LEU 101 221 221 LEU LEU A . n 
A 1 102 PRO 102 222 222 PRO PRO A . n 
A 1 103 LEU 103 223 223 LEU LEU A . n 
A 1 104 LYS 104 224 224 LYS LYS A . n 
A 1 105 TYR 105 225 225 TYR TYR A . n 
A 1 106 ARG 106 226 226 ARG ARG A . n 
A 1 107 VAL 107 227 227 VAL VAL A . n 
A 1 108 ARG 108 228 228 ARG ARG A . n 
A 1 109 PRO 109 229 229 PRO PRO A . n 
A 1 110 THR 110 230 230 THR THR A . n 
A 1 111 CYS 111 231 231 CYS CYS A . n 
A 1 112 LYS 112 232 ?   ?   ?   A . n 
A 1 113 ARG 113 233 ?   ?   ?   A . n 
A 1 114 MET 114 234 ?   ?   ?   A . n 
A 1 115 LYS 115 235 ?   ?   ?   A . n 
# 
loop_
_pdbx_nonpoly_scheme.asym_id 
_pdbx_nonpoly_scheme.entity_id 
_pdbx_nonpoly_scheme.mon_id 
_pdbx_nonpoly_scheme.ndb_seq_num 
_pdbx_nonpoly_scheme.pdb_seq_num 
_pdbx_nonpoly_scheme.auth_seq_num 
_pdbx_nonpoly_scheme.pdb_mon_id 
_pdbx_nonpoly_scheme.auth_mon_id 
_pdbx_nonpoly_scheme.pdb_strand_id 
_pdbx_nonpoly_scheme.pdb_ins_code 
B 2 HOH 1  2001 2001 HOH HOH A . 
B 2 HOH 2  2002 2002 HOH HOH A . 
B 2 HOH 3  2003 2003 HOH HOH A . 
B 2 HOH 4  2004 2004 HOH HOH A . 
B 2 HOH 5  2005 2005 HOH HOH A . 
B 2 HOH 6  2006 2006 HOH HOH A . 
B 2 HOH 7  2007 2007 HOH HOH A . 
B 2 HOH 8  2008 2008 HOH HOH A . 
B 2 HOH 9  2009 2009 HOH HOH A . 
B 2 HOH 10 2010 2010 HOH HOH A . 
B 2 HOH 11 2011 2011 HOH HOH A . 
B 2 HOH 12 2012 2012 HOH HOH A . 
B 2 HOH 13 2013 2013 HOH HOH A . 
B 2 HOH 14 2014 2014 HOH HOH A . 
B 2 HOH 15 2015 2015 HOH HOH A . 
B 2 HOH 16 2016 2016 HOH HOH A . 
B 2 HOH 17 2017 2017 HOH HOH A . 
B 2 HOH 18 2018 2018 HOH HOH A . 
B 2 HOH 19 2019 2019 HOH HOH A . 
B 2 HOH 20 2020 2020 HOH HOH A . 
B 2 HOH 21 2021 2021 HOH HOH A . 
B 2 HOH 22 2022 2022 HOH HOH A . 
B 2 HOH 23 2023 2023 HOH HOH A . 
B 2 HOH 24 2024 2024 HOH HOH A . 
B 2 HOH 25 2025 2025 HOH HOH A . 
B 2 HOH 26 2026 2026 HOH HOH A . 
B 2 HOH 27 2027 2027 HOH HOH A . 
B 2 HOH 28 2028 2028 HOH HOH A . 
B 2 HOH 29 2029 2029 HOH HOH A . 
B 2 HOH 30 2030 2030 HOH HOH A . 
B 2 HOH 31 2031 2031 HOH HOH A . 
B 2 HOH 32 2032 2032 HOH HOH A . 
# 
loop_
_pdbx_unobs_or_zero_occ_atoms.id 
_pdbx_unobs_or_zero_occ_atoms.PDB_model_num 
_pdbx_unobs_or_zero_occ_atoms.polymer_flag 
_pdbx_unobs_or_zero_occ_atoms.occupancy_flag 
_pdbx_unobs_or_zero_occ_atoms.auth_asym_id 
_pdbx_unobs_or_zero_occ_atoms.auth_comp_id 
_pdbx_unobs_or_zero_occ_atoms.auth_seq_id 
_pdbx_unobs_or_zero_occ_atoms.PDB_ins_code 
_pdbx_unobs_or_zero_occ_atoms.auth_atom_id 
_pdbx_unobs_or_zero_occ_atoms.label_alt_id 
_pdbx_unobs_or_zero_occ_atoms.label_asym_id 
_pdbx_unobs_or_zero_occ_atoms.label_comp_id 
_pdbx_unobs_or_zero_occ_atoms.label_seq_id 
_pdbx_unobs_or_zero_occ_atoms.label_atom_id 
1  1 Y 1 A ARG 162 ? CG  ? A ARG 42 CG  
2  1 Y 1 A ARG 162 ? CD  ? A ARG 42 CD  
3  1 Y 1 A ARG 162 ? NE  ? A ARG 42 NE  
4  1 Y 1 A ARG 162 ? CZ  ? A ARG 42 CZ  
5  1 Y 1 A ARG 162 ? NH1 ? A ARG 42 NH1 
6  1 Y 1 A ARG 162 ? NH2 ? A ARG 42 NH2 
7  1 Y 1 A ARG 216 ? CG  ? A ARG 96 CG  
8  1 Y 1 A ARG 216 ? CD  ? A ARG 96 CD  
9  1 Y 1 A ARG 216 ? NE  ? A ARG 96 NE  
10 1 Y 1 A ARG 216 ? CZ  ? A ARG 96 CZ  
11 1 Y 1 A ARG 216 ? NH1 ? A ARG 96 NH1 
12 1 Y 1 A ARG 216 ? NH2 ? A ARG 96 NH2 
13 1 Y 1 A ARG 217 ? CG  ? A ARG 97 CG  
14 1 Y 1 A ARG 217 ? CD  ? A ARG 97 CD  
15 1 Y 1 A ARG 217 ? NE  ? A ARG 97 NE  
16 1 Y 1 A ARG 217 ? CZ  ? A ARG 97 CZ  
17 1 Y 1 A ARG 217 ? NH1 ? A ARG 97 NH1 
18 1 Y 1 A ARG 217 ? NH2 ? A ARG 97 NH2 
# 
loop_
_software.name 
_software.classification 
_software.version 
_software.citation_id 
_software.pdbx_ordinal 
REFMAC    refinement       5.8.0135 ? 1 
DENZO     'data reduction' .        ? 2 
SCALEPACK 'data scaling'   .        ? 3 
MOLREP    phasing          .        ? 4 
# 
_cell.entry_id           5FR6 
_cell.length_a           78.275 
_cell.length_b           78.275 
_cell.length_c           43.119 
_cell.angle_alpha        90.00 
_cell.angle_beta         90.00 
_cell.angle_gamma        120.00 
_cell.Z_PDB              6 
_cell.pdbx_unique_axis   ? 
# 
_symmetry.entry_id                         5FR6 
_symmetry.space_group_name_H-M             'P 32 1 2' 
_symmetry.pdbx_full_space_group_name_H-M   ? 
_symmetry.cell_setting                     ? 
_symmetry.Int_Tables_number                153 
# 
_exptl.entry_id          5FR6 
_exptl.method            'X-RAY DIFFRACTION' 
_exptl.crystals_number   1 
# 
_exptl_crystal.id                    1 
_exptl_crystal.density_meas          ? 
_exptl_crystal.density_Matthews      2.95 
_exptl_crystal.density_percent_sol   58.29 
_exptl_crystal.description           NONE 
# 
_exptl_crystal_grow.crystal_id      1 
_exptl_crystal_grow.method          ? 
_exptl_crystal_grow.temp            ? 
_exptl_crystal_grow.temp_details    ? 
_exptl_crystal_grow.pH              6.5 
_exptl_crystal_grow.pdbx_pH_range   ? 
_exptl_crystal_grow.pdbx_details    '100MM MES, PH 6.5, 50MM MGCL2, 7% ISOPROPANOL, 6% PEG 4000' 
# 
_diffrn.id                     1 
_diffrn.ambient_temp           110 
_diffrn.ambient_temp_details   ? 
_diffrn.crystal_id             1 
# 
_diffrn_detector.diffrn_id              1 
_diffrn_detector.detector               CCD 
_diffrn_detector.type                   MARRESEARCH 
_diffrn_detector.pdbx_collection_date   2014-06-02 
_diffrn_detector.details                ? 
# 
_diffrn_radiation.diffrn_id                        1 
_diffrn_radiation.wavelength_id                    1 
_diffrn_radiation.pdbx_monochromatic_or_laue_m_l   M 
_diffrn_radiation.monochromator                    KOHZU 
_diffrn_radiation.pdbx_diffrn_protocol             'SINGLE WAVELENGTH' 
_diffrn_radiation.pdbx_scattering_type             x-ray 
# 
_diffrn_radiation_wavelength.id           1 
_diffrn_radiation_wavelength.wavelength   0.97872 
_diffrn_radiation_wavelength.wt           1.0 
# 
_diffrn_source.diffrn_id                   1 
_diffrn_source.source                      SYNCHROTRON 
_diffrn_source.type                        'APS BEAMLINE 21-ID-F' 
_diffrn_source.pdbx_synchrotron_site       APS 
_diffrn_source.pdbx_synchrotron_beamline   21-ID-F 
_diffrn_source.pdbx_wavelength             0.97872 
_diffrn_source.pdbx_wavelength_list        ? 
# 
_reflns.pdbx_diffrn_id               1 
_reflns.pdbx_ordinal                 1 
_reflns.entry_id                     5FR6 
_reflns.observed_criterion_sigma_I   2.0 
_reflns.observed_criterion_sigma_F   ? 
_reflns.d_resolution_low             50.00 
_reflns.d_resolution_high            2.50 
_reflns.number_obs                   5292 
_reflns.number_all                   ? 
_reflns.percent_possible_obs         99.8 
_reflns.pdbx_Rmerge_I_obs            0.09 
_reflns.pdbx_Rsym_value              ? 
_reflns.pdbx_netI_over_sigmaI        33.93 
_reflns.B_iso_Wilson_estimate        ? 
_reflns.pdbx_redundancy              10 
# 
_reflns_shell.pdbx_diffrn_id         1 
_reflns_shell.pdbx_ordinal           1 
_reflns_shell.d_res_high             2.50 
_reflns_shell.d_res_low              2.54 
_reflns_shell.percent_possible_all   99.6 
_reflns_shell.Rmerge_I_obs           0.48 
_reflns_shell.pdbx_Rsym_value        ? 
_reflns_shell.meanI_over_sigI_obs    3.27 
_reflns_shell.pdbx_redundancy        8.3 
# 
_refine.pdbx_refine_id                           'X-RAY DIFFRACTION' 
_refine.entry_id                                 5FR6 
_refine.pdbx_diffrn_id                           1 
_refine.pdbx_TLS_residual_ADP_flag               ? 
_refine.ls_number_reflns_obs                     5015 
_refine.ls_number_reflns_all                     ? 
_refine.pdbx_ls_sigma_I                          ? 
_refine.pdbx_ls_sigma_F                          . 
_refine.pdbx_data_cutoff_high_absF               ? 
_refine.pdbx_data_cutoff_low_absF                ? 
_refine.pdbx_data_cutoff_high_rms_absF           ? 
_refine.ls_d_res_low                             39.14 
_refine.ls_d_res_high                            2.51 
_refine.ls_percent_reflns_obs                    99.74 
_refine.ls_R_factor_obs                          0.23748 
_refine.ls_R_factor_all                          ? 
_refine.ls_R_factor_R_work                       0.23253 
_refine.ls_R_factor_R_free                       0.32833 
_refine.ls_R_factor_R_free_error                 ? 
_refine.ls_R_factor_R_free_error_details         ? 
_refine.ls_percent_reflns_R_free                 5.1 
_refine.ls_number_reflns_R_free                  267 
_refine.ls_number_parameters                     ? 
_refine.ls_number_restraints                     ? 
_refine.occupancy_min                            ? 
_refine.occupancy_max                            ? 
_refine.correlation_coeff_Fo_to_Fc               0.928 
_refine.correlation_coeff_Fo_to_Fc_free          0.847 
_refine.B_iso_mean                               56.180 
_refine.aniso_B[1][1]                            0.54 
_refine.aniso_B[2][2]                            0.54 
_refine.aniso_B[3][3]                            -1.74 
_refine.aniso_B[1][2]                            0.27 
_refine.aniso_B[1][3]                            0.00 
_refine.aniso_B[2][3]                            0.00 
_refine.solvent_model_details                    MASK 
_refine.solvent_model_param_ksol                 ? 
_refine.solvent_model_param_bsol                 ? 
_refine.pdbx_solvent_vdw_probe_radii             1.20 
_refine.pdbx_solvent_ion_probe_radii             0.80 
_refine.pdbx_solvent_shrinkage_radii             0.80 
_refine.pdbx_ls_cross_valid_method               THROUGHOUT 
_refine.details                                  
;HYDROGENS HAVE BEEN ADDED IN THE RIDING POSITIONS. CO-CRYSTALLIZED WITH PHC2 33-56 PEPTIDE. UNX DENSITY IS A HALF PERCENT OF PHC2 PEPTIDE. WE CONFIRMED THIS STRUCTURE BY NMR EXPERIMENT TOGETHER
;
_refine.pdbx_starting_model                      'PDB ENTRY 4HPM' 
_refine.pdbx_method_to_determine_struct          'MOLECULAR REPLACEMENT' 
_refine.pdbx_isotropic_thermal_model             ? 
_refine.pdbx_stereochemistry_target_values       'MAXIMUM LIKELIHOOD' 
_refine.pdbx_stereochem_target_val_spec_case     ? 
_refine.pdbx_R_Free_selection_details            RANDOM 
_refine.pdbx_overall_ESU_R                       0.347 
_refine.pdbx_overall_ESU_R_Free                  0.318 
_refine.overall_SU_ML                            0.244 
_refine.pdbx_overall_phase_error                 ? 
_refine.overall_SU_B                             11.072 
_refine.overall_SU_R_Cruickshank_DPI             ? 
_refine.pdbx_overall_SU_R_free_Cruickshank_DPI   ? 
_refine.pdbx_overall_SU_R_Blow_DPI               ? 
_refine.pdbx_overall_SU_R_free_Blow_DPI          ? 
# 
_refine_hist.pdbx_refine_id                   'X-RAY DIFFRACTION' 
_refine_hist.cycle_id                         LAST 
_refine_hist.pdbx_number_atoms_protein        692 
_refine_hist.pdbx_number_atoms_nucleic_acid   0 
_refine_hist.pdbx_number_atoms_ligand         0 
_refine_hist.number_atoms_solvent             32 
_refine_hist.number_atoms_total               724 
_refine_hist.d_res_high                       2.51 
_refine_hist.d_res_low                        39.14 
# 
loop_
_refine_ls_restr.type 
_refine_ls_restr.dev_ideal 
_refine_ls_restr.dev_ideal_target 
_refine_ls_restr.weight 
_refine_ls_restr.number 
_refine_ls_restr.pdbx_refine_id 
_refine_ls_restr.pdbx_restraint_function 
r_bond_refined_d             0.013  0.020  ? 710  'X-RAY DIFFRACTION' ? 
r_bond_other_d               0.006  0.020  ? 672  'X-RAY DIFFRACTION' ? 
r_angle_refined_deg          1.783  1.986  ? 961  'X-RAY DIFFRACTION' ? 
r_angle_other_deg            1.144  3.000  ? 1549 'X-RAY DIFFRACTION' ? 
r_dihedral_angle_1_deg       6.121  5.000  ? 81   'X-RAY DIFFRACTION' ? 
r_dihedral_angle_2_deg       30.727 22.812 ? 32   'X-RAY DIFFRACTION' ? 
r_dihedral_angle_3_deg       19.007 15.000 ? 126  'X-RAY DIFFRACTION' ? 
r_dihedral_angle_4_deg       35.066 15.000 ? 5    'X-RAY DIFFRACTION' ? 
r_chiral_restr               0.094  0.200  ? 105  'X-RAY DIFFRACTION' ? 
r_gen_planes_refined         0.008  0.021  ? 760  'X-RAY DIFFRACTION' ? 
r_gen_planes_other           0.002  0.020  ? 159  'X-RAY DIFFRACTION' ? 
r_nbd_refined                ?      ?      ? ?    'X-RAY DIFFRACTION' ? 
r_nbd_other                  ?      ?      ? ?    'X-RAY DIFFRACTION' ? 
r_nbtor_refined              ?      ?      ? ?    'X-RAY DIFFRACTION' ? 
r_nbtor_other                ?      ?      ? ?    'X-RAY DIFFRACTION' ? 
r_xyhbond_nbd_refined        ?      ?      ? ?    'X-RAY DIFFRACTION' ? 
r_xyhbond_nbd_other          ?      ?      ? ?    'X-RAY DIFFRACTION' ? 
r_metal_ion_refined          ?      ?      ? ?    'X-RAY DIFFRACTION' ? 
r_metal_ion_other            ?      ?      ? ?    'X-RAY DIFFRACTION' ? 
r_symmetry_vdw_refined       ?      ?      ? ?    'X-RAY DIFFRACTION' ? 
r_symmetry_vdw_other         ?      ?      ? ?    'X-RAY DIFFRACTION' ? 
r_symmetry_hbond_refined     ?      ?      ? ?    'X-RAY DIFFRACTION' ? 
r_symmetry_hbond_other       ?      ?      ? ?    'X-RAY DIFFRACTION' ? 
r_symmetry_metal_ion_refined ?      ?      ? ?    'X-RAY DIFFRACTION' ? 
r_symmetry_metal_ion_other   ?      ?      ? ?    'X-RAY DIFFRACTION' ? 
r_mcbond_it                  8.324  10.377 ? 330  'X-RAY DIFFRACTION' ? 
r_mcbond_other               8.319  10.359 ? 329  'X-RAY DIFFRACTION' ? 
r_mcangle_it                 10.749 19.410 ? 409  'X-RAY DIFFRACTION' ? 
r_mcangle_other              ?      ?      ? ?    'X-RAY DIFFRACTION' ? 
r_scbond_it                  10.726 12.026 ? 380  'X-RAY DIFFRACTION' ? 
r_scbond_other               ?      ?      ? ?    'X-RAY DIFFRACTION' ? 
r_scangle_it                 13.878 21.598 ? 553  'X-RAY DIFFRACTION' ? 
r_scangle_other              ?      ?      ? ?    'X-RAY DIFFRACTION' ? 
r_long_range_B_refined       ?      ?      ? ?    'X-RAY DIFFRACTION' ? 
r_long_range_B_other         ?      ?      ? ?    'X-RAY DIFFRACTION' ? 
r_rigid_bond_restr           ?      ?      ? ?    'X-RAY DIFFRACTION' ? 
r_sphericity_free            ?      ?      ? ?    'X-RAY DIFFRACTION' ? 
r_sphericity_bonded          ?      ?      ? ?    'X-RAY DIFFRACTION' ? 
# 
_refine_ls_shell.pdbx_refine_id                   'X-RAY DIFFRACTION' 
_refine_ls_shell.pdbx_total_number_of_bins_used   20 
_refine_ls_shell.d_res_high                       2.507 
_refine_ls_shell.d_res_low                        2.571 
_refine_ls_shell.number_reflns_R_work             380 
_refine_ls_shell.R_factor_R_work                  0.248 
_refine_ls_shell.percent_reflns_obs               97.96 
_refine_ls_shell.R_factor_R_free                  0.209 
_refine_ls_shell.R_factor_R_free_error            ? 
_refine_ls_shell.percent_reflns_R_free            ? 
_refine_ls_shell.number_reflns_R_free             5 
_refine_ls_shell.number_reflns_all                ? 
_refine_ls_shell.R_factor_all                     ? 
# 
_struct.entry_id                  5FR6 
_struct.title                     'The structure of polycomb ULD complex' 
_struct.pdbx_model_details        ? 
_struct.pdbx_CASP_flag            ? 
_struct.pdbx_model_type_details   ? 
# 
_struct_keywords.entry_id        5FR6 
_struct_keywords.pdbx_keywords   TRANSCRIPTION 
_struct_keywords.text            'TRANSCRIPTION, BMI1, POLYCOMB, PHC2' 
# 
loop_
_struct_asym.id 
_struct_asym.pdbx_blank_PDB_chainid_flag 
_struct_asym.pdbx_modified 
_struct_asym.entity_id 
_struct_asym.details 
A N N 1 ? 
B N N 2 ? 
# 
_struct_ref.id                         1 
_struct_ref.db_name                    UNP 
_struct_ref.db_code                    BMI1_HUMAN 
_struct_ref.entity_id                  1 
_struct_ref.pdbx_seq_one_letter_code   ? 
_struct_ref.pdbx_align_begin           ? 
_struct_ref.pdbx_db_accession          P35226 
_struct_ref.pdbx_db_isoform            ? 
# 
_struct_ref_seq.align_id                      1 
_struct_ref_seq.ref_id                        1 
_struct_ref_seq.pdbx_PDB_id_code              5FR6 
_struct_ref_seq.pdbx_strand_id                A 
_struct_ref_seq.seq_align_beg                 1 
_struct_ref_seq.pdbx_seq_align_beg_ins_code   ? 
_struct_ref_seq.seq_align_end                 115 
_struct_ref_seq.pdbx_seq_align_end_ins_code   ? 
_struct_ref_seq.pdbx_db_accession             P35226 
_struct_ref_seq.db_align_beg                  121 
_struct_ref_seq.pdbx_db_align_beg_ins_code    ? 
_struct_ref_seq.db_align_end                  235 
_struct_ref_seq.pdbx_db_align_end_ins_code    ? 
_struct_ref_seq.pdbx_auth_seq_align_beg       121 
_struct_ref_seq.pdbx_auth_seq_align_end       235 
# 
_pdbx_struct_assembly.id                   1 
_pdbx_struct_assembly.details              author_and_software_defined_assembly 
_pdbx_struct_assembly.method_details       PISA 
_pdbx_struct_assembly.oligomeric_details   dimeric 
_pdbx_struct_assembly.oligomeric_count     2 
# 
loop_
_pdbx_struct_assembly_prop.biol_id 
_pdbx_struct_assembly_prop.type 
_pdbx_struct_assembly_prop.value 
_pdbx_struct_assembly_prop.details 
1 'ABSA (A^2)' 920   ? 
1 MORE         -10.1 ? 
1 'SSA (A^2)'  10070 ? 
# 
_pdbx_struct_assembly_gen.assembly_id       1 
_pdbx_struct_assembly_gen.oper_expression   1,2 
_pdbx_struct_assembly_gen.asym_id_list      A,B 
# 
loop_
_pdbx_struct_oper_list.id 
_pdbx_struct_oper_list.type 
_pdbx_struct_oper_list.name 
_pdbx_struct_oper_list.symmetry_operation 
_pdbx_struct_oper_list.matrix[1][1] 
_pdbx_struct_oper_list.matrix[1][2] 
_pdbx_struct_oper_list.matrix[1][3] 
_pdbx_struct_oper_list.vector[1] 
_pdbx_struct_oper_list.matrix[2][1] 
_pdbx_struct_oper_list.matrix[2][2] 
_pdbx_struct_oper_list.matrix[2][3] 
_pdbx_struct_oper_list.vector[2] 
_pdbx_struct_oper_list.matrix[3][1] 
_pdbx_struct_oper_list.matrix[3][2] 
_pdbx_struct_oper_list.matrix[3][3] 
_pdbx_struct_oper_list.vector[3] 
1 'identity operation'         1_555 x,y,z         1.0000000000 0.0000000000 0.0000000000 0.0000000000  0.0000000000 1.0000000000  0.0000000000 0.0000000000 0.0000000000 0.0000000000 1.0000000000  0.0000000000  
2 'crystal symmetry operation' 5_554 -x+y,y,-z-1/3 0.8580845863 0.0455095786 0.5114877526 -8.2670044145 0.0455095786 -0.9988853458 0.0125277354 8.8787677118 0.5114877526 0.0125277354 -0.8591992405 29.2416082786 
# 
_struct_biol.id   1 
# 
loop_
_struct_conf.conf_type_id 
_struct_conf.id 
_struct_conf.pdbx_PDB_helix_id 
_struct_conf.beg_label_comp_id 
_struct_conf.beg_label_asym_id 
_struct_conf.beg_label_seq_id 
_struct_conf.pdbx_beg_PDB_ins_code 
_struct_conf.end_label_comp_id 
_struct_conf.end_label_asym_id 
_struct_conf.end_label_seq_id 
_struct_conf.pdbx_end_PDB_ins_code 
_struct_conf.beg_auth_comp_id 
_struct_conf.beg_auth_asym_id 
_struct_conf.beg_auth_seq_id 
_struct_conf.end_auth_comp_id 
_struct_conf.end_auth_asym_id 
_struct_conf.end_auth_seq_id 
_struct_conf.pdbx_PDB_helix_class 
_struct_conf.details 
_struct_conf.pdbx_PDB_helix_length 
HELX_P HELX_P1 1 THR A 51 ? MET A 63 ? THR A 171 MET A 183 1 ? 13 
HELX_P HELX_P2 2 THR A 85 ? THR A 94 ? THR A 205 THR A 214 1 ? 10 
# 
_struct_conf_type.id          HELX_P 
_struct_conf_type.criteria    ? 
_struct_conf_type.reference   ? 
# 
_struct_sheet.id               AA 
_struct_sheet.type             ? 
_struct_sheet.number_strands   4 
_struct_sheet.details          ? 
# 
loop_
_struct_sheet_order.sheet_id 
_struct_sheet_order.range_id_1 
_struct_sheet_order.range_id_2 
_struct_sheet_order.offset 
_struct_sheet_order.sense 
AA 1 2 ? anti-parallel 
AA 2 3 ? parallel      
AA 3 4 ? anti-parallel 
# 
loop_
_struct_sheet_range.sheet_id 
_struct_sheet_range.id 
_struct_sheet_range.beg_label_comp_id 
_struct_sheet_range.beg_label_asym_id 
_struct_sheet_range.beg_label_seq_id 
_struct_sheet_range.pdbx_beg_PDB_ins_code 
_struct_sheet_range.end_label_comp_id 
_struct_sheet_range.end_label_asym_id 
_struct_sheet_range.end_label_seq_id 
_struct_sheet_range.pdbx_end_PDB_ins_code 
_struct_sheet_range.beg_auth_comp_id 
_struct_sheet_range.beg_auth_asym_id 
_struct_sheet_range.beg_auth_seq_id 
_struct_sheet_range.end_auth_comp_id 
_struct_sheet_range.end_auth_asym_id 
_struct_sheet_range.end_auth_seq_id 
AA 1 ARG A 42  ? PRO A 47  ? ARG A 162 PRO A 167 
AA 2 ILE A 10  ? PHE A 17  ? ILE A 130 PHE A 137 
AA 3 LEU A 101 ? PRO A 109 ? LEU A 221 PRO A 229 
AA 4 PHE A 69  ? MET A 74  ? PHE A 189 MET A 194 
# 
loop_
_pdbx_struct_sheet_hbond.sheet_id 
_pdbx_struct_sheet_hbond.range_id_1 
_pdbx_struct_sheet_hbond.range_id_2 
_pdbx_struct_sheet_hbond.range_1_label_atom_id 
_pdbx_struct_sheet_hbond.range_1_label_comp_id 
_pdbx_struct_sheet_hbond.range_1_label_asym_id 
_pdbx_struct_sheet_hbond.range_1_label_seq_id 
_pdbx_struct_sheet_hbond.range_1_PDB_ins_code 
_pdbx_struct_sheet_hbond.range_1_auth_atom_id 
_pdbx_struct_sheet_hbond.range_1_auth_comp_id 
_pdbx_struct_sheet_hbond.range_1_auth_asym_id 
_pdbx_struct_sheet_hbond.range_1_auth_seq_id 
_pdbx_struct_sheet_hbond.range_2_label_atom_id 
_pdbx_struct_sheet_hbond.range_2_label_comp_id 
_pdbx_struct_sheet_hbond.range_2_label_asym_id 
_pdbx_struct_sheet_hbond.range_2_label_seq_id 
_pdbx_struct_sheet_hbond.range_2_PDB_ins_code 
_pdbx_struct_sheet_hbond.range_2_auth_atom_id 
_pdbx_struct_sheet_hbond.range_2_auth_comp_id 
_pdbx_struct_sheet_hbond.range_2_auth_asym_id 
_pdbx_struct_sheet_hbond.range_2_auth_seq_id 
AA 1 2 N CYS A 46  ? N CYS A 166 O ILE A 11  ? O ILE A 131 
AA 2 3 N SER A 14  ? N SER A 134 O LEU A 101 ? O LEU A 221 
AA 3 4 N ARG A 108 ? N ARG A 228 O GLN A 70  ? O GLN A 190 
# 
loop_
_pdbx_validate_symm_contact.id 
_pdbx_validate_symm_contact.PDB_model_num 
_pdbx_validate_symm_contact.auth_atom_id_1 
_pdbx_validate_symm_contact.auth_asym_id_1 
_pdbx_validate_symm_contact.auth_comp_id_1 
_pdbx_validate_symm_contact.auth_seq_id_1 
_pdbx_validate_symm_contact.PDB_ins_code_1 
_pdbx_validate_symm_contact.label_alt_id_1 
_pdbx_validate_symm_contact.site_symmetry_1 
_pdbx_validate_symm_contact.auth_atom_id_2 
_pdbx_validate_symm_contact.auth_asym_id_2 
_pdbx_validate_symm_contact.auth_comp_id_2 
_pdbx_validate_symm_contact.auth_seq_id_2 
_pdbx_validate_symm_contact.PDB_ins_code_2 
_pdbx_validate_symm_contact.label_alt_id_2 
_pdbx_validate_symm_contact.site_symmetry_2 
_pdbx_validate_symm_contact.dist 
1 1 O A HOH 2031 ? ? 1_555 O A HOH 2031 ? ? 5_554 1.08 
2 1 O A HOH 2027 ? ? 1_555 O A HOH 2027 ? ? 4_554 2.18 
# 
loop_
_pdbx_validate_torsion.id 
_pdbx_validate_torsion.PDB_model_num 
_pdbx_validate_torsion.auth_comp_id 
_pdbx_validate_torsion.auth_asym_id 
_pdbx_validate_torsion.auth_seq_id 
_pdbx_validate_torsion.PDB_ins_code 
_pdbx_validate_torsion.label_alt_id 
_pdbx_validate_torsion.phi 
_pdbx_validate_torsion.psi 
1 1 ASP A 128 ? ? -96.56  32.21  
2 1 GLU A 196 ? ? -121.38 -91.18 
# 
_pdbx_struct_special_symmetry.id              1 
_pdbx_struct_special_symmetry.PDB_model_num   1 
_pdbx_struct_special_symmetry.auth_asym_id    A 
_pdbx_struct_special_symmetry.auth_comp_id    HOH 
_pdbx_struct_special_symmetry.auth_seq_id     2015 
_pdbx_struct_special_symmetry.PDB_ins_code    ? 
_pdbx_struct_special_symmetry.label_asym_id   B 
_pdbx_struct_special_symmetry.label_comp_id   HOH 
_pdbx_struct_special_symmetry.label_seq_id    . 
# 
_pdbx_distant_solvent_atoms.id                                1 
_pdbx_distant_solvent_atoms.PDB_model_num                     1 
_pdbx_distant_solvent_atoms.auth_atom_id                      O 
_pdbx_distant_solvent_atoms.label_alt_id                      ? 
_pdbx_distant_solvent_atoms.auth_asym_id                      A 
_pdbx_distant_solvent_atoms.auth_comp_id                      HOH 
_pdbx_distant_solvent_atoms.auth_seq_id                       2032 
_pdbx_distant_solvent_atoms.PDB_ins_code                      ? 
_pdbx_distant_solvent_atoms.neighbor_macromolecule_distance   6.03 
_pdbx_distant_solvent_atoms.neighbor_ligand_distance          . 
# 
loop_
_pdbx_unobs_or_zero_occ_residues.id 
_pdbx_unobs_or_zero_occ_residues.PDB_model_num 
_pdbx_unobs_or_zero_occ_residues.polymer_flag 
_pdbx_unobs_or_zero_occ_residues.occupancy_flag 
_pdbx_unobs_or_zero_occ_residues.auth_asym_id 
_pdbx_unobs_or_zero_occ_residues.auth_comp_id 
_pdbx_unobs_or_zero_occ_residues.auth_seq_id 
_pdbx_unobs_or_zero_occ_residues.PDB_ins_code 
_pdbx_unobs_or_zero_occ_residues.label_asym_id 
_pdbx_unobs_or_zero_occ_residues.label_comp_id 
_pdbx_unobs_or_zero_occ_residues.label_seq_id 
1  1 Y 1 A ASP 121 ? A ASP 1   
2  1 Y 1 A LYS 122 ? A LYS 2   
3  1 Y 1 A ARG 123 ? A ARG 3   
4  1 Y 1 A ILE 124 ? A ILE 4   
5  1 Y 1 A ILE 125 ? A ILE 5   
6  1 Y 1 A THR 126 ? A THR 6   
7  1 Y 1 A ASP 139 ? A ASP 19  
8  1 Y 1 A GLN 140 ? A GLN 20  
9  1 Y 1 A ASN 141 ? A ASN 21  
10 1 Y 1 A ARG 142 ? A ARG 22  
11 1 Y 1 A LEU 143 ? A LEU 23  
12 1 Y 1 A ASP 144 ? A ASP 24  
13 1 Y 1 A ARG 145 ? A ARG 25  
14 1 Y 1 A LYS 146 ? A LYS 26  
15 1 Y 1 A VAL 147 ? A VAL 27  
16 1 Y 1 A ASN 148 ? A ASN 28  
17 1 Y 1 A LYS 149 ? A LYS 29  
18 1 Y 1 A ASP 150 ? A ASP 30  
19 1 Y 1 A LYS 151 ? A LYS 31  
20 1 Y 1 A GLU 152 ? A GLU 32  
21 1 Y 1 A LYS 153 ? A LYS 33  
22 1 Y 1 A SER 154 ? A SER 34  
23 1 Y 1 A LYS 155 ? A LYS 35  
24 1 Y 1 A GLU 156 ? A GLU 36  
25 1 Y 1 A GLU 157 ? A GLU 37  
26 1 Y 1 A VAL 158 ? A VAL 38  
27 1 Y 1 A ASN 159 ? A ASN 39  
28 1 Y 1 A ASP 160 ? A ASP 40  
29 1 Y 1 A LYS 232 ? A LYS 112 
30 1 Y 1 A ARG 233 ? A ARG 113 
31 1 Y 1 A MET 234 ? A MET 114 
32 1 Y 1 A LYS 235 ? A LYS 115 
# 
loop_
_chem_comp_atom.comp_id 
_chem_comp_atom.atom_id 
_chem_comp_atom.type_symbol 
_chem_comp_atom.pdbx_aromatic_flag 
_chem_comp_atom.pdbx_stereo_config 
_chem_comp_atom.pdbx_ordinal 
ALA N    N N N 1   
ALA CA   C N S 2   
ALA C    C N N 3   
ALA O    O N N 4   
ALA CB   C N N 5   
ALA OXT  O N N 6   
ALA H    H N N 7   
ALA H2   H N N 8   
ALA HA   H N N 9   
ALA HB1  H N N 10  
ALA HB2  H N N 11  
ALA HB3  H N N 12  
ALA HXT  H N N 13  
ARG N    N N N 14  
ARG CA   C N S 15  
ARG C    C N N 16  
ARG O    O N N 17  
ARG CB   C N N 18  
ARG CG   C N N 19  
ARG CD   C N N 20  
ARG NE   N N N 21  
ARG CZ   C N N 22  
ARG NH1  N N N 23  
ARG NH2  N N N 24  
ARG OXT  O N N 25  
ARG H    H N N 26  
ARG H2   H N N 27  
ARG HA   H N N 28  
ARG HB2  H N N 29  
ARG HB3  H N N 30  
ARG HG2  H N N 31  
ARG HG3  H N N 32  
ARG HD2  H N N 33  
ARG HD3  H N N 34  
ARG HE   H N N 35  
ARG HH11 H N N 36  
ARG HH12 H N N 37  
ARG HH21 H N N 38  
ARG HH22 H N N 39  
ARG HXT  H N N 40  
ASN N    N N N 41  
ASN CA   C N S 42  
ASN C    C N N 43  
ASN O    O N N 44  
ASN CB   C N N 45  
ASN CG   C N N 46  
ASN OD1  O N N 47  
ASN ND2  N N N 48  
ASN OXT  O N N 49  
ASN H    H N N 50  
ASN H2   H N N 51  
ASN HA   H N N 52  
ASN HB2  H N N 53  
ASN HB3  H N N 54  
ASN HD21 H N N 55  
ASN HD22 H N N 56  
ASN HXT  H N N 57  
ASP N    N N N 58  
ASP CA   C N S 59  
ASP C    C N N 60  
ASP O    O N N 61  
ASP CB   C N N 62  
ASP CG   C N N 63  
ASP OD1  O N N 64  
ASP OD2  O N N 65  
ASP OXT  O N N 66  
ASP H    H N N 67  
ASP H2   H N N 68  
ASP HA   H N N 69  
ASP HB2  H N N 70  
ASP HB3  H N N 71  
ASP HD2  H N N 72  
ASP HXT  H N N 73  
CYS N    N N N 74  
CYS CA   C N R 75  
CYS C    C N N 76  
CYS O    O N N 77  
CYS CB   C N N 78  
CYS SG   S N N 79  
CYS OXT  O N N 80  
CYS H    H N N 81  
CYS H2   H N N 82  
CYS HA   H N N 83  
CYS HB2  H N N 84  
CYS HB3  H N N 85  
CYS HG   H N N 86  
CYS HXT  H N N 87  
GLN N    N N N 88  
GLN CA   C N S 89  
GLN C    C N N 90  
GLN O    O N N 91  
GLN CB   C N N 92  
GLN CG   C N N 93  
GLN CD   C N N 94  
GLN OE1  O N N 95  
GLN NE2  N N N 96  
GLN OXT  O N N 97  
GLN H    H N N 98  
GLN H2   H N N 99  
GLN HA   H N N 100 
GLN HB2  H N N 101 
GLN HB3  H N N 102 
GLN HG2  H N N 103 
GLN HG3  H N N 104 
GLN HE21 H N N 105 
GLN HE22 H N N 106 
GLN HXT  H N N 107 
GLU N    N N N 108 
GLU CA   C N S 109 
GLU C    C N N 110 
GLU O    O N N 111 
GLU CB   C N N 112 
GLU CG   C N N 113 
GLU CD   C N N 114 
GLU OE1  O N N 115 
GLU OE2  O N N 116 
GLU OXT  O N N 117 
GLU H    H N N 118 
GLU H2   H N N 119 
GLU HA   H N N 120 
GLU HB2  H N N 121 
GLU HB3  H N N 122 
GLU HG2  H N N 123 
GLU HG3  H N N 124 
GLU HE2  H N N 125 
GLU HXT  H N N 126 
GLY N    N N N 127 
GLY CA   C N N 128 
GLY C    C N N 129 
GLY O    O N N 130 
GLY OXT  O N N 131 
GLY H    H N N 132 
GLY H2   H N N 133 
GLY HA2  H N N 134 
GLY HA3  H N N 135 
GLY HXT  H N N 136 
HIS N    N N N 137 
HIS CA   C N S 138 
HIS C    C N N 139 
HIS O    O N N 140 
HIS CB   C N N 141 
HIS CG   C Y N 142 
HIS ND1  N Y N 143 
HIS CD2  C Y N 144 
HIS CE1  C Y N 145 
HIS NE2  N Y N 146 
HIS OXT  O N N 147 
HIS H    H N N 148 
HIS H2   H N N 149 
HIS HA   H N N 150 
HIS HB2  H N N 151 
HIS HB3  H N N 152 
HIS HD1  H N N 153 
HIS HD2  H N N 154 
HIS HE1  H N N 155 
HIS HE2  H N N 156 
HIS HXT  H N N 157 
HOH O    O N N 158 
HOH H1   H N N 159 
HOH H2   H N N 160 
ILE N    N N N 161 
ILE CA   C N S 162 
ILE C    C N N 163 
ILE O    O N N 164 
ILE CB   C N S 165 
ILE CG1  C N N 166 
ILE CG2  C N N 167 
ILE CD1  C N N 168 
ILE OXT  O N N 169 
ILE H    H N N 170 
ILE H2   H N N 171 
ILE HA   H N N 172 
ILE HB   H N N 173 
ILE HG12 H N N 174 
ILE HG13 H N N 175 
ILE HG21 H N N 176 
ILE HG22 H N N 177 
ILE HG23 H N N 178 
ILE HD11 H N N 179 
ILE HD12 H N N 180 
ILE HD13 H N N 181 
ILE HXT  H N N 182 
LEU N    N N N 183 
LEU CA   C N S 184 
LEU C    C N N 185 
LEU O    O N N 186 
LEU CB   C N N 187 
LEU CG   C N N 188 
LEU CD1  C N N 189 
LEU CD2  C N N 190 
LEU OXT  O N N 191 
LEU H    H N N 192 
LEU H2   H N N 193 
LEU HA   H N N 194 
LEU HB2  H N N 195 
LEU HB3  H N N 196 
LEU HG   H N N 197 
LEU HD11 H N N 198 
LEU HD12 H N N 199 
LEU HD13 H N N 200 
LEU HD21 H N N 201 
LEU HD22 H N N 202 
LEU HD23 H N N 203 
LEU HXT  H N N 204 
LYS N    N N N 205 
LYS CA   C N S 206 
LYS C    C N N 207 
LYS O    O N N 208 
LYS CB   C N N 209 
LYS CG   C N N 210 
LYS CD   C N N 211 
LYS CE   C N N 212 
LYS NZ   N N N 213 
LYS OXT  O N N 214 
LYS H    H N N 215 
LYS H2   H N N 216 
LYS HA   H N N 217 
LYS HB2  H N N 218 
LYS HB3  H N N 219 
LYS HG2  H N N 220 
LYS HG3  H N N 221 
LYS HD2  H N N 222 
LYS HD3  H N N 223 
LYS HE2  H N N 224 
LYS HE3  H N N 225 
LYS HZ1  H N N 226 
LYS HZ2  H N N 227 
LYS HZ3  H N N 228 
LYS HXT  H N N 229 
MET N    N N N 230 
MET CA   C N S 231 
MET C    C N N 232 
MET O    O N N 233 
MET CB   C N N 234 
MET CG   C N N 235 
MET SD   S N N 236 
MET CE   C N N 237 
MET OXT  O N N 238 
MET H    H N N 239 
MET H2   H N N 240 
MET HA   H N N 241 
MET HB2  H N N 242 
MET HB3  H N N 243 
MET HG2  H N N 244 
MET HG3  H N N 245 
MET HE1  H N N 246 
MET HE2  H N N 247 
MET HE3  H N N 248 
MET HXT  H N N 249 
PHE N    N N N 250 
PHE CA   C N S 251 
PHE C    C N N 252 
PHE O    O N N 253 
PHE CB   C N N 254 
PHE CG   C Y N 255 
PHE CD1  C Y N 256 
PHE CD2  C Y N 257 
PHE CE1  C Y N 258 
PHE CE2  C Y N 259 
PHE CZ   C Y N 260 
PHE OXT  O N N 261 
PHE H    H N N 262 
PHE H2   H N N 263 
PHE HA   H N N 264 
PHE HB2  H N N 265 
PHE HB3  H N N 266 
PHE HD1  H N N 267 
PHE HD2  H N N 268 
PHE HE1  H N N 269 
PHE HE2  H N N 270 
PHE HZ   H N N 271 
PHE HXT  H N N 272 
PRO N    N N N 273 
PRO CA   C N S 274 
PRO C    C N N 275 
PRO O    O N N 276 
PRO CB   C N N 277 
PRO CG   C N N 278 
PRO CD   C N N 279 
PRO OXT  O N N 280 
PRO H    H N N 281 
PRO HA   H N N 282 
PRO HB2  H N N 283 
PRO HB3  H N N 284 
PRO HG2  H N N 285 
PRO HG3  H N N 286 
PRO HD2  H N N 287 
PRO HD3  H N N 288 
PRO HXT  H N N 289 
SER N    N N N 290 
SER CA   C N S 291 
SER C    C N N 292 
SER O    O N N 293 
SER CB   C N N 294 
SER OG   O N N 295 
SER OXT  O N N 296 
SER H    H N N 297 
SER H2   H N N 298 
SER HA   H N N 299 
SER HB2  H N N 300 
SER HB3  H N N 301 
SER HG   H N N 302 
SER HXT  H N N 303 
THR N    N N N 304 
THR CA   C N S 305 
THR C    C N N 306 
THR O    O N N 307 
THR CB   C N R 308 
THR OG1  O N N 309 
THR CG2  C N N 310 
THR OXT  O N N 311 
THR H    H N N 312 
THR H2   H N N 313 
THR HA   H N N 314 
THR HB   H N N 315 
THR HG1  H N N 316 
THR HG21 H N N 317 
THR HG22 H N N 318 
THR HG23 H N N 319 
THR HXT  H N N 320 
TRP N    N N N 321 
TRP CA   C N S 322 
TRP C    C N N 323 
TRP O    O N N 324 
TRP CB   C N N 325 
TRP CG   C Y N 326 
TRP CD1  C Y N 327 
TRP CD2  C Y N 328 
TRP NE1  N Y N 329 
TRP CE2  C Y N 330 
TRP CE3  C Y N 331 
TRP CZ2  C Y N 332 
TRP CZ3  C Y N 333 
TRP CH2  C Y N 334 
TRP OXT  O N N 335 
TRP H    H N N 336 
TRP H2   H N N 337 
TRP HA   H N N 338 
TRP HB2  H N N 339 
TRP HB3  H N N 340 
TRP HD1  H N N 341 
TRP HE1  H N N 342 
TRP HE3  H N N 343 
TRP HZ2  H N N 344 
TRP HZ3  H N N 345 
TRP HH2  H N N 346 
TRP HXT  H N N 347 
TYR N    N N N 348 
TYR CA   C N S 349 
TYR C    C N N 350 
TYR O    O N N 351 
TYR CB   C N N 352 
TYR CG   C Y N 353 
TYR CD1  C Y N 354 
TYR CD2  C Y N 355 
TYR CE1  C Y N 356 
TYR CE2  C Y N 357 
TYR CZ   C Y N 358 
TYR OH   O N N 359 
TYR OXT  O N N 360 
TYR H    H N N 361 
TYR H2   H N N 362 
TYR HA   H N N 363 
TYR HB2  H N N 364 
TYR HB3  H N N 365 
TYR HD1  H N N 366 
TYR HD2  H N N 367 
TYR HE1  H N N 368 
TYR HE2  H N N 369 
TYR HH   H N N 370 
TYR HXT  H N N 371 
VAL N    N N N 372 
VAL CA   C N S 373 
VAL C    C N N 374 
VAL O    O N N 375 
VAL CB   C N N 376 
VAL CG1  C N N 377 
VAL CG2  C N N 378 
VAL OXT  O N N 379 
VAL H    H N N 380 
VAL H2   H N N 381 
VAL HA   H N N 382 
VAL HB   H N N 383 
VAL HG11 H N N 384 
VAL HG12 H N N 385 
VAL HG13 H N N 386 
VAL HG21 H N N 387 
VAL HG22 H N N 388 
VAL HG23 H N N 389 
VAL HXT  H N N 390 
# 
loop_
_chem_comp_bond.comp_id 
_chem_comp_bond.atom_id_1 
_chem_comp_bond.atom_id_2 
_chem_comp_bond.value_order 
_chem_comp_bond.pdbx_aromatic_flag 
_chem_comp_bond.pdbx_stereo_config 
_chem_comp_bond.pdbx_ordinal 
ALA N   CA   sing N N 1   
ALA N   H    sing N N 2   
ALA N   H2   sing N N 3   
ALA CA  C    sing N N 4   
ALA CA  CB   sing N N 5   
ALA CA  HA   sing N N 6   
ALA C   O    doub N N 7   
ALA C   OXT  sing N N 8   
ALA CB  HB1  sing N N 9   
ALA CB  HB2  sing N N 10  
ALA CB  HB3  sing N N 11  
ALA OXT HXT  sing N N 12  
ARG N   CA   sing N N 13  
ARG N   H    sing N N 14  
ARG N   H2   sing N N 15  
ARG CA  C    sing N N 16  
ARG CA  CB   sing N N 17  
ARG CA  HA   sing N N 18  
ARG C   O    doub N N 19  
ARG C   OXT  sing N N 20  
ARG CB  CG   sing N N 21  
ARG CB  HB2  sing N N 22  
ARG CB  HB3  sing N N 23  
ARG CG  CD   sing N N 24  
ARG CG  HG2  sing N N 25  
ARG CG  HG3  sing N N 26  
ARG CD  NE   sing N N 27  
ARG CD  HD2  sing N N 28  
ARG CD  HD3  sing N N 29  
ARG NE  CZ   sing N N 30  
ARG NE  HE   sing N N 31  
ARG CZ  NH1  sing N N 32  
ARG CZ  NH2  doub N N 33  
ARG NH1 HH11 sing N N 34  
ARG NH1 HH12 sing N N 35  
ARG NH2 HH21 sing N N 36  
ARG NH2 HH22 sing N N 37  
ARG OXT HXT  sing N N 38  
ASN N   CA   sing N N 39  
ASN N   H    sing N N 40  
ASN N   H2   sing N N 41  
ASN CA  C    sing N N 42  
ASN CA  CB   sing N N 43  
ASN CA  HA   sing N N 44  
ASN C   O    doub N N 45  
ASN C   OXT  sing N N 46  
ASN CB  CG   sing N N 47  
ASN CB  HB2  sing N N 48  
ASN CB  HB3  sing N N 49  
ASN CG  OD1  doub N N 50  
ASN CG  ND2  sing N N 51  
ASN ND2 HD21 sing N N 52  
ASN ND2 HD22 sing N N 53  
ASN OXT HXT  sing N N 54  
ASP N   CA   sing N N 55  
ASP N   H    sing N N 56  
ASP N   H2   sing N N 57  
ASP CA  C    sing N N 58  
ASP CA  CB   sing N N 59  
ASP CA  HA   sing N N 60  
ASP C   O    doub N N 61  
ASP C   OXT  sing N N 62  
ASP CB  CG   sing N N 63  
ASP CB  HB2  sing N N 64  
ASP CB  HB3  sing N N 65  
ASP CG  OD1  doub N N 66  
ASP CG  OD2  sing N N 67  
ASP OD2 HD2  sing N N 68  
ASP OXT HXT  sing N N 69  
CYS N   CA   sing N N 70  
CYS N   H    sing N N 71  
CYS N   H2   sing N N 72  
CYS CA  C    sing N N 73  
CYS CA  CB   sing N N 74  
CYS CA  HA   sing N N 75  
CYS C   O    doub N N 76  
CYS C   OXT  sing N N 77  
CYS CB  SG   sing N N 78  
CYS CB  HB2  sing N N 79  
CYS CB  HB3  sing N N 80  
CYS SG  HG   sing N N 81  
CYS OXT HXT  sing N N 82  
GLN N   CA   sing N N 83  
GLN N   H    sing N N 84  
GLN N   H2   sing N N 85  
GLN CA  C    sing N N 86  
GLN CA  CB   sing N N 87  
GLN CA  HA   sing N N 88  
GLN C   O    doub N N 89  
GLN C   OXT  sing N N 90  
GLN CB  CG   sing N N 91  
GLN CB  HB2  sing N N 92  
GLN CB  HB3  sing N N 93  
GLN CG  CD   sing N N 94  
GLN CG  HG2  sing N N 95  
GLN CG  HG3  sing N N 96  
GLN CD  OE1  doub N N 97  
GLN CD  NE2  sing N N 98  
GLN NE2 HE21 sing N N 99  
GLN NE2 HE22 sing N N 100 
GLN OXT HXT  sing N N 101 
GLU N   CA   sing N N 102 
GLU N   H    sing N N 103 
GLU N   H2   sing N N 104 
GLU CA  C    sing N N 105 
GLU CA  CB   sing N N 106 
GLU CA  HA   sing N N 107 
GLU C   O    doub N N 108 
GLU C   OXT  sing N N 109 
GLU CB  CG   sing N N 110 
GLU CB  HB2  sing N N 111 
GLU CB  HB3  sing N N 112 
GLU CG  CD   sing N N 113 
GLU CG  HG2  sing N N 114 
GLU CG  HG3  sing N N 115 
GLU CD  OE1  doub N N 116 
GLU CD  OE2  sing N N 117 
GLU OE2 HE2  sing N N 118 
GLU OXT HXT  sing N N 119 
GLY N   CA   sing N N 120 
GLY N   H    sing N N 121 
GLY N   H2   sing N N 122 
GLY CA  C    sing N N 123 
GLY CA  HA2  sing N N 124 
GLY CA  HA3  sing N N 125 
GLY C   O    doub N N 126 
GLY C   OXT  sing N N 127 
GLY OXT HXT  sing N N 128 
HIS N   CA   sing N N 129 
HIS N   H    sing N N 130 
HIS N   H2   sing N N 131 
HIS CA  C    sing N N 132 
HIS CA  CB   sing N N 133 
HIS CA  HA   sing N N 134 
HIS C   O    doub N N 135 
HIS C   OXT  sing N N 136 
HIS CB  CG   sing N N 137 
HIS CB  HB2  sing N N 138 
HIS CB  HB3  sing N N 139 
HIS CG  ND1  sing Y N 140 
HIS CG  CD2  doub Y N 141 
HIS ND1 CE1  doub Y N 142 
HIS ND1 HD1  sing N N 143 
HIS CD2 NE2  sing Y N 144 
HIS CD2 HD2  sing N N 145 
HIS CE1 NE2  sing Y N 146 
HIS CE1 HE1  sing N N 147 
HIS NE2 HE2  sing N N 148 
HIS OXT HXT  sing N N 149 
HOH O   H1   sing N N 150 
HOH O   H2   sing N N 151 
ILE N   CA   sing N N 152 
ILE N   H    sing N N 153 
ILE N   H2   sing N N 154 
ILE CA  C    sing N N 155 
ILE CA  CB   sing N N 156 
ILE CA  HA   sing N N 157 
ILE C   O    doub N N 158 
ILE C   OXT  sing N N 159 
ILE CB  CG1  sing N N 160 
ILE CB  CG2  sing N N 161 
ILE CB  HB   sing N N 162 
ILE CG1 CD1  sing N N 163 
ILE CG1 HG12 sing N N 164 
ILE CG1 HG13 sing N N 165 
ILE CG2 HG21 sing N N 166 
ILE CG2 HG22 sing N N 167 
ILE CG2 HG23 sing N N 168 
ILE CD1 HD11 sing N N 169 
ILE CD1 HD12 sing N N 170 
ILE CD1 HD13 sing N N 171 
ILE OXT HXT  sing N N 172 
LEU N   CA   sing N N 173 
LEU N   H    sing N N 174 
LEU N   H2   sing N N 175 
LEU CA  C    sing N N 176 
LEU CA  CB   sing N N 177 
LEU CA  HA   sing N N 178 
LEU C   O    doub N N 179 
LEU C   OXT  sing N N 180 
LEU CB  CG   sing N N 181 
LEU CB  HB2  sing N N 182 
LEU CB  HB3  sing N N 183 
LEU CG  CD1  sing N N 184 
LEU CG  CD2  sing N N 185 
LEU CG  HG   sing N N 186 
LEU CD1 HD11 sing N N 187 
LEU CD1 HD12 sing N N 188 
LEU CD1 HD13 sing N N 189 
LEU CD2 HD21 sing N N 190 
LEU CD2 HD22 sing N N 191 
LEU CD2 HD23 sing N N 192 
LEU OXT HXT  sing N N 193 
LYS N   CA   sing N N 194 
LYS N   H    sing N N 195 
LYS N   H2   sing N N 196 
LYS CA  C    sing N N 197 
LYS CA  CB   sing N N 198 
LYS CA  HA   sing N N 199 
LYS C   O    doub N N 200 
LYS C   OXT  sing N N 201 
LYS CB  CG   sing N N 202 
LYS CB  HB2  sing N N 203 
LYS CB  HB3  sing N N 204 
LYS CG  CD   sing N N 205 
LYS CG  HG2  sing N N 206 
LYS CG  HG3  sing N N 207 
LYS CD  CE   sing N N 208 
LYS CD  HD2  sing N N 209 
LYS CD  HD3  sing N N 210 
LYS CE  NZ   sing N N 211 
LYS CE  HE2  sing N N 212 
LYS CE  HE3  sing N N 213 
LYS NZ  HZ1  sing N N 214 
LYS NZ  HZ2  sing N N 215 
LYS NZ  HZ3  sing N N 216 
LYS OXT HXT  sing N N 217 
MET N   CA   sing N N 218 
MET N   H    sing N N 219 
MET N   H2   sing N N 220 
MET CA  C    sing N N 221 
MET CA  CB   sing N N 222 
MET CA  HA   sing N N 223 
MET C   O    doub N N 224 
MET C   OXT  sing N N 225 
MET CB  CG   sing N N 226 
MET CB  HB2  sing N N 227 
MET CB  HB3  sing N N 228 
MET CG  SD   sing N N 229 
MET CG  HG2  sing N N 230 
MET CG  HG3  sing N N 231 
MET SD  CE   sing N N 232 
MET CE  HE1  sing N N 233 
MET CE  HE2  sing N N 234 
MET CE  HE3  sing N N 235 
MET OXT HXT  sing N N 236 
PHE N   CA   sing N N 237 
PHE N   H    sing N N 238 
PHE N   H2   sing N N 239 
PHE CA  C    sing N N 240 
PHE CA  CB   sing N N 241 
PHE CA  HA   sing N N 242 
PHE C   O    doub N N 243 
PHE C   OXT  sing N N 244 
PHE CB  CG   sing N N 245 
PHE CB  HB2  sing N N 246 
PHE CB  HB3  sing N N 247 
PHE CG  CD1  doub Y N 248 
PHE CG  CD2  sing Y N 249 
PHE CD1 CE1  sing Y N 250 
PHE CD1 HD1  sing N N 251 
PHE CD2 CE2  doub Y N 252 
PHE CD2 HD2  sing N N 253 
PHE CE1 CZ   doub Y N 254 
PHE CE1 HE1  sing N N 255 
PHE CE2 CZ   sing Y N 256 
PHE CE2 HE2  sing N N 257 
PHE CZ  HZ   sing N N 258 
PHE OXT HXT  sing N N 259 
PRO N   CA   sing N N 260 
PRO N   CD   sing N N 261 
PRO N   H    sing N N 262 
PRO CA  C    sing N N 263 
PRO CA  CB   sing N N 264 
PRO CA  HA   sing N N 265 
PRO C   O    doub N N 266 
PRO C   OXT  sing N N 267 
PRO CB  CG   sing N N 268 
PRO CB  HB2  sing N N 269 
PRO CB  HB3  sing N N 270 
PRO CG  CD   sing N N 271 
PRO CG  HG2  sing N N 272 
PRO CG  HG3  sing N N 273 
PRO CD  HD2  sing N N 274 
PRO CD  HD3  sing N N 275 
PRO OXT HXT  sing N N 276 
SER N   CA   sing N N 277 
SER N   H    sing N N 278 
SER N   H2   sing N N 279 
SER CA  C    sing N N 280 
SER CA  CB   sing N N 281 
SER CA  HA   sing N N 282 
SER C   O    doub N N 283 
SER C   OXT  sing N N 284 
SER CB  OG   sing N N 285 
SER CB  HB2  sing N N 286 
SER CB  HB3  sing N N 287 
SER OG  HG   sing N N 288 
SER OXT HXT  sing N N 289 
THR N   CA   sing N N 290 
THR N   H    sing N N 291 
THR N   H2   sing N N 292 
THR CA  C    sing N N 293 
THR CA  CB   sing N N 294 
THR CA  HA   sing N N 295 
THR C   O    doub N N 296 
THR C   OXT  sing N N 297 
THR CB  OG1  sing N N 298 
THR CB  CG2  sing N N 299 
THR CB  HB   sing N N 300 
THR OG1 HG1  sing N N 301 
THR CG2 HG21 sing N N 302 
THR CG2 HG22 sing N N 303 
THR CG2 HG23 sing N N 304 
THR OXT HXT  sing N N 305 
TRP N   CA   sing N N 306 
TRP N   H    sing N N 307 
TRP N   H2   sing N N 308 
TRP CA  C    sing N N 309 
TRP CA  CB   sing N N 310 
TRP CA  HA   sing N N 311 
TRP C   O    doub N N 312 
TRP C   OXT  sing N N 313 
TRP CB  CG   sing N N 314 
TRP CB  HB2  sing N N 315 
TRP CB  HB3  sing N N 316 
TRP CG  CD1  doub Y N 317 
TRP CG  CD2  sing Y N 318 
TRP CD1 NE1  sing Y N 319 
TRP CD1 HD1  sing N N 320 
TRP CD2 CE2  doub Y N 321 
TRP CD2 CE3  sing Y N 322 
TRP NE1 CE2  sing Y N 323 
TRP NE1 HE1  sing N N 324 
TRP CE2 CZ2  sing Y N 325 
TRP CE3 CZ3  doub Y N 326 
TRP CE3 HE3  sing N N 327 
TRP CZ2 CH2  doub Y N 328 
TRP CZ2 HZ2  sing N N 329 
TRP CZ3 CH2  sing Y N 330 
TRP CZ3 HZ3  sing N N 331 
TRP CH2 HH2  sing N N 332 
TRP OXT HXT  sing N N 333 
TYR N   CA   sing N N 334 
TYR N   H    sing N N 335 
TYR N   H2   sing N N 336 
TYR CA  C    sing N N 337 
TYR CA  CB   sing N N 338 
TYR CA  HA   sing N N 339 
TYR C   O    doub N N 340 
TYR C   OXT  sing N N 341 
TYR CB  CG   sing N N 342 
TYR CB  HB2  sing N N 343 
TYR CB  HB3  sing N N 344 
TYR CG  CD1  doub Y N 345 
TYR CG  CD2  sing Y N 346 
TYR CD1 CE1  sing Y N 347 
TYR CD1 HD1  sing N N 348 
TYR CD2 CE2  doub Y N 349 
TYR CD2 HD2  sing N N 350 
TYR CE1 CZ   doub Y N 351 
TYR CE1 HE1  sing N N 352 
TYR CE2 CZ   sing Y N 353 
TYR CE2 HE2  sing N N 354 
TYR CZ  OH   sing N N 355 
TYR OH  HH   sing N N 356 
TYR OXT HXT  sing N N 357 
VAL N   CA   sing N N 358 
VAL N   H    sing N N 359 
VAL N   H2   sing N N 360 
VAL CA  C    sing N N 361 
VAL CA  CB   sing N N 362 
VAL CA  HA   sing N N 363 
VAL C   O    doub N N 364 
VAL C   OXT  sing N N 365 
VAL CB  CG1  sing N N 366 
VAL CB  CG2  sing N N 367 
VAL CB  HB   sing N N 368 
VAL CG1 HG11 sing N N 369 
VAL CG1 HG12 sing N N 370 
VAL CG1 HG13 sing N N 371 
VAL CG2 HG21 sing N N 372 
VAL CG2 HG22 sing N N 373 
VAL CG2 HG23 sing N N 374 
VAL OXT HXT  sing N N 375 
# 
_pdbx_initial_refinement_model.id               1 
_pdbx_initial_refinement_model.entity_id_list   ? 
_pdbx_initial_refinement_model.type             'experimental model' 
_pdbx_initial_refinement_model.source_name      PDB 
_pdbx_initial_refinement_model.accession_code   4HPM 
_pdbx_initial_refinement_model.details          'PDB ENTRY 4HPM' 
# 
_atom_sites.entry_id                    5FR6 
_atom_sites.fract_transf_matrix[1][1]   -0.01048085 
_atom_sites.fract_transf_matrix[1][2]   0.00263802 
_atom_sites.fract_transf_matrix[1][3]   0.01003985 
_atom_sites.fract_transf_matrix[2][1]   -0.01421899 
_atom_sites.fract_transf_matrix[2][2]   -0.00034826 
_atom_sites.fract_transf_matrix[2][3]   -0.00391416 
_atom_sites.fract_transf_matrix[3][1]   -0.00084041 
_atom_sites.fract_transf_matrix[3][2]   -0.02261649 
_atom_sites.fract_transf_matrix[3][3]   0.00506527 
_atom_sites.fract_transf_vector[1]      -0.037176 
_atom_sites.fract_transf_vector[2]      0.329297 
_atom_sites.fract_transf_vector[3]      -0.143798 
# 
loop_
_atom_type.symbol 
C 
N 
O 
S 
# 
loop_
_atom_site.group_PDB 
_atom_site.id 
_atom_site.type_symbol 
_atom_site.label_atom_id 
_atom_site.label_alt_id 
_atom_site.label_comp_id 
_atom_site.label_asym_id 
_atom_site.label_entity_id 
_atom_site.label_seq_id 
_atom_site.pdbx_PDB_ins_code 
_atom_site.Cartn_x 
_atom_site.Cartn_y 
_atom_site.Cartn_z 
_atom_site.occupancy 
_atom_site.B_iso_or_equiv 
_atom_site.pdbx_formal_charge 
_atom_site.auth_seq_id 
_atom_site.auth_comp_id 
_atom_site.auth_asym_id 
_atom_site.auth_atom_id 
_atom_site.pdbx_PDB_model_num 
ATOM   1   N N   . ASP A 1 7   ? 1.596   -1.825  -16.581 1.00 85.76  ? 127  ASP A N   1 
ATOM   2   C CA  . ASP A 1 7   ? 1.956   -3.229  -16.986 1.00 72.83  ? 127  ASP A CA  1 
ATOM   3   C C   . ASP A 1 7   ? 0.752   -4.095  -16.722 1.00 70.54  ? 127  ASP A C   1 
ATOM   4   O O   . ASP A 1 7   ? -0.086  -3.779  -15.873 1.00 86.55  ? 127  ASP A O   1 
ATOM   5   C CB  . ASP A 1 7   ? 3.173   -3.802  -16.222 1.00 75.67  ? 127  ASP A CB  1 
ATOM   6   C CG  . ASP A 1 7   ? 4.036   -4.743  -17.034 1.00 84.59  ? 127  ASP A CG  1 
ATOM   7   O OD1 . ASP A 1 7   ? 3.628   -5.226  -18.104 1.00 89.19  ? 127  ASP A OD1 1 
ATOM   8   O OD2 . ASP A 1 7   ? 5.169   -4.999  -16.576 1.00 84.13  ? 127  ASP A OD2 1 
ATOM   9   N N   . ASP A 1 8   ? 0.720   -5.219  -17.432 1.00 72.78  ? 128  ASP A N   1 
ATOM   10  C CA  . ASP A 1 8   ? -0.350  -6.199  -17.352 1.00 75.42  ? 128  ASP A CA  1 
ATOM   11  C C   . ASP A 1 8   ? 0.092   -7.301  -16.380 1.00 78.98  ? 128  ASP A C   1 
ATOM   12  O O   . ASP A 1 8   ? -0.297  -8.465  -16.544 1.00 80.47  ? 128  ASP A O   1 
ATOM   13  C CB  . ASP A 1 8   ? -0.639  -6.798  -18.755 1.00 97.02  ? 128  ASP A CB  1 
ATOM   14  C CG  . ASP A 1 8   ? -0.587  -5.749  -19.901 1.00 114.62 ? 128  ASP A CG  1 
ATOM   15  O OD1 . ASP A 1 8   ? -1.270  -4.700  -19.820 1.00 104.13 ? 128  ASP A OD1 1 
ATOM   16  O OD2 . ASP A 1 8   ? 0.145   -5.988  -20.894 1.00 97.24  ? 128  ASP A OD2 1 
ATOM   17  N N   . GLU A 1 9   ? 0.882   -6.929  -15.365 1.00 55.60  ? 129  GLU A N   1 
ATOM   18  C CA  . GLU A 1 9   ? 1.535   -7.867  -14.490 1.00 46.60  ? 129  GLU A CA  1 
ATOM   19  C C   . GLU A 1 9   ? 0.893   -7.814  -13.115 1.00 53.64  ? 129  GLU A C   1 
ATOM   20  O O   . GLU A 1 9   ? 0.311   -6.793  -12.714 1.00 50.26  ? 129  GLU A O   1 
ATOM   21  C CB  . GLU A 1 9   ? 3.039   -7.565  -14.396 1.00 65.31  ? 129  GLU A CB  1 
ATOM   22  C CG  . GLU A 1 9   ? 3.910   -8.772  -13.994 1.00 79.50  ? 129  GLU A CG  1 
ATOM   23  C CD  . GLU A 1 9   ? 5.418   -8.581  -14.251 1.00 109.26 ? 129  GLU A CD  1 
ATOM   24  O OE1 . GLU A 1 9   ? 5.798   -7.794  -15.161 1.00 85.57  ? 129  GLU A OE1 1 
ATOM   25  O OE2 . GLU A 1 9   ? 6.238   -9.232  -13.541 1.00 84.30  ? 129  GLU A OE2 1 
ATOM   26  N N   . ILE A 1 10  ? 1.024   -8.942  -12.416 1.00 55.57  ? 130  ILE A N   1 
ATOM   27  C CA  . ILE A 1 10  ? 0.486   -9.175  -11.108 1.00 41.26  ? 130  ILE A CA  1 
ATOM   28  C C   . ILE A 1 10  ? 1.609   -9.069  -10.103 1.00 51.68  ? 130  ILE A C   1 
ATOM   29  O O   . ILE A 1 10  ? 2.673   -9.687  -10.234 1.00 56.54  ? 130  ILE A O   1 
ATOM   30  C CB  . ILE A 1 10  ? -0.160  -10.594 -11.003 1.00 55.20  ? 130  ILE A CB  1 
ATOM   31  C CG1 . ILE A 1 10  ? -1.458  -10.649 -11.813 1.00 58.91  ? 130  ILE A CG1 1 
ATOM   32  C CG2 . ILE A 1 10  ? -0.446  -11.019 -9.554  1.00 48.62  ? 130  ILE A CG2 1 
ATOM   33  C CD1 . ILE A 1 10  ? -2.481  -9.656  -11.360 1.00 58.03  ? 130  ILE A CD1 1 
ATOM   34  N N   . ILE A 1 11  ? 1.334   -8.334  -9.037  1.00 47.47  ? 131  ILE A N   1 
ATOM   35  C CA  . ILE A 1 11  ? 2.310   -8.158  -7.994  1.00 43.21  ? 131  ILE A CA  1 
ATOM   36  C C   . ILE A 1 11  ? 1.790   -8.763  -6.698  1.00 41.16  ? 131  ILE A C   1 
ATOM   37  O O   . ILE A 1 11  ? 0.657   -8.566  -6.319  1.00 44.14  ? 131  ILE A O   1 
ATOM   38  C CB  . ILE A 1 11  ? 2.671   -6.672  -7.858  1.00 44.57  ? 131  ILE A CB  1 
ATOM   39  C CG1 . ILE A 1 11  ? 3.883   -6.491  -6.950  1.00 40.55  ? 131  ILE A CG1 1 
ATOM   40  C CG2 . ILE A 1 11  ? 1.490   -5.823  -7.389  1.00 54.61  ? 131  ILE A CG2 1 
ATOM   41  C CD1 . ILE A 1 11  ? 4.903   -5.566  -7.593  1.00 58.16  ? 131  ILE A CD1 1 
ATOM   42  N N   . SER A 1 12  ? 2.629   -9.524  -6.036  1.00 39.74  ? 132  SER A N   1 
ATOM   43  C CA  . SER A 1 12  ? 2.226   -10.141 -4.829  1.00 44.41  ? 132  SER A CA  1 
ATOM   44  C C   . SER A 1 12  ? 2.773   -9.292  -3.689  1.00 43.59  ? 132  SER A C   1 
ATOM   45  O O   . SER A 1 12  ? 3.930   -8.920  -3.700  1.00 47.07  ? 132  SER A O   1 
ATOM   46  C CB  . SER A 1 12  ? 2.744   -11.578 -4.780  1.00 36.31  ? 132  SER A CB  1 
ATOM   47  O OG  . SER A 1 12  ? 2.911   -11.952 -3.427  1.00 39.01  ? 132  SER A OG  1 
ATOM   48  N N   . LEU A 1 13  ? 1.944   -9.026  -2.683  1.00 40.38  ? 133  LEU A N   1 
ATOM   49  C CA  . LEU A 1 13  ? 2.332   -8.163  -1.584  1.00 46.13  ? 133  LEU A CA  1 
ATOM   50  C C   . LEU A 1 13  ? 1.637   -8.475  -0.256  1.00 48.25  ? 133  LEU A C   1 
ATOM   51  O O   . LEU A 1 13  ? 0.734   -9.275  -0.214  1.00 39.02  ? 133  LEU A O   1 
ATOM   52  C CB  . LEU A 1 13  ? 2.118   -6.707  -1.981  1.00 69.70  ? 133  LEU A CB  1 
ATOM   53  C CG  . LEU A 1 13  ? 0.693   -6.224  -2.208  1.00 64.23  ? 133  LEU A CG  1 
ATOM   54  C CD1 . LEU A 1 13  ? 0.144   -5.586  -0.946  1.00 79.10  ? 133  LEU A CD1 1 
ATOM   55  C CD2 . LEU A 1 13  ? 0.695   -5.208  -3.339  1.00 71.24  ? 133  LEU A CD2 1 
ATOM   56  N N   . SER A 1 14  ? 2.156   -7.887  0.826   1.00 39.28  ? 134  SER A N   1 
ATOM   57  C CA  . SER A 1 14  ? 1.517   -7.916  2.099   1.00 38.23  ? 134  SER A CA  1 
ATOM   58  C C   . SER A 1 14  ? 1.329   -6.499  2.648   1.00 43.04  ? 134  SER A C   1 
ATOM   59  O O   . SER A 1 14  ? 2.013   -5.540  2.261   1.00 42.51  ? 134  SER A O   1 
ATOM   60  C CB  . SER A 1 14  ? 2.306   -8.761  3.089   1.00 47.75  ? 134  SER A CB  1 
ATOM   61  O OG  . SER A 1 14  ? 3.511   -8.134  3.455   1.00 43.72  ? 134  SER A OG  1 
ATOM   62  N N   . ILE A 1 15  ? 0.380   -6.423  3.565   1.00 37.31  ? 135  ILE A N   1 
ATOM   63  C CA  . ILE A 1 15  ? -0.097  -5.194  4.158   1.00 51.46  ? 135  ILE A CA  1 
ATOM   64  C C   . ILE A 1 15  ? -0.421  -5.488  5.627   1.00 43.75  ? 135  ILE A C   1 
ATOM   65  O O   . ILE A 1 15  ? -1.213  -6.367  5.930   1.00 55.57  ? 135  ILE A O   1 
ATOM   66  C CB  . ILE A 1 15  ? -1.334  -4.651  3.396   1.00 44.47  ? 135  ILE A CB  1 
ATOM   67  C CG1 . ILE A 1 15  ? -1.762  -3.282  3.919   1.00 53.84  ? 135  ILE A CG1 1 
ATOM   68  C CG2 . ILE A 1 15  ? -2.504  -5.621  3.463   1.00 49.75  ? 135  ILE A CG2 1 
ATOM   69  C CD1 . ILE A 1 15  ? -0.738  -2.182  3.739   1.00 57.19  ? 135  ILE A CD1 1 
ATOM   70  N N   . GLU A 1 16  ? 0.230   -4.771  6.528   1.00 43.99  ? 136  GLU A N   1 
ATOM   71  C CA  . GLU A 1 16  ? -0.033  -4.906  7.953   1.00 49.26  ? 136  GLU A CA  1 
ATOM   72  C C   . GLU A 1 16  ? -0.002  -3.520  8.606   1.00 47.95  ? 136  GLU A C   1 
ATOM   73  O O   . GLU A 1 16  ? 0.569   -2.578  8.069   1.00 47.42  ? 136  GLU A O   1 
ATOM   74  C CB  . GLU A 1 16  ? 0.998   -5.838  8.603   1.00 44.42  ? 136  GLU A CB  1 
ATOM   75  C CG  . GLU A 1 16  ? 2.364   -5.201  8.724   1.00 62.54  ? 136  GLU A CG  1 
ATOM   76  C CD  . GLU A 1 16  ? 3.469   -6.177  9.053   1.00 79.27  ? 136  GLU A CD  1 
ATOM   77  O OE1 . GLU A 1 16  ? 3.275   -7.018  9.947   1.00 70.55  ? 136  GLU A OE1 1 
ATOM   78  O OE2 . GLU A 1 16  ? 4.551   -6.086  8.437   1.00 73.04  ? 136  GLU A OE2 1 
ATOM   79  N N   . PHE A 1 17  ? -0.602  -3.433  9.784   1.00 50.06  ? 137  PHE A N   1 
ATOM   80  C CA  . PHE A 1 17  ? -0.641  -2.224  10.556  1.00 47.03  ? 137  PHE A CA  1 
ATOM   81  C C   . PHE A 1 17  ? 0.724   -1.973  11.148  1.00 52.83  ? 137  PHE A C   1 
ATOM   82  O O   . PHE A 1 17  ? 1.272   -2.859  11.768  1.00 56.20  ? 137  PHE A O   1 
ATOM   83  C CB  . PHE A 1 17  ? -1.652  -2.360  11.680  1.00 47.45  ? 137  PHE A CB  1 
ATOM   84  C CG  . PHE A 1 17  ? -1.933  -1.081  12.382  1.00 49.69  ? 137  PHE A CG  1 
ATOM   85  C CD1 . PHE A 1 17  ? -2.623  -0.066  11.727  1.00 58.41  ? 137  PHE A CD1 1 
ATOM   86  C CD2 . PHE A 1 17  ? -1.508  -0.868  13.685  1.00 48.85  ? 137  PHE A CD2 1 
ATOM   87  C CE1 . PHE A 1 17  ? -2.912  1.142   12.361  1.00 50.98  ? 137  PHE A CE1 1 
ATOM   88  C CE2 . PHE A 1 17  ? -1.790  0.352   14.328  1.00 47.33  ? 137  PHE A CE2 1 
ATOM   89  C CZ  . PHE A 1 17  ? -2.500  1.348   13.667  1.00 37.35  ? 137  PHE A CZ  1 
ATOM   90  N N   . PHE A 1 18  ? 1.242   -0.758  10.978  1.00 54.03  ? 138  PHE A N   1 
ATOM   91  C CA  . PHE A 1 18  ? 2.573   -0.353  11.492  1.00 75.20  ? 138  PHE A CA  1 
ATOM   92  C C   . PHE A 1 18  ? 2.892   -0.767  12.933  1.00 59.77  ? 138  PHE A C   1 
ATOM   93  O O   . PHE A 1 18  ? 2.269   -0.294  13.874  1.00 67.33  ? 138  PHE A O   1 
ATOM   94  C CB  . PHE A 1 18  ? 2.731   1.173   11.354  1.00 95.44  ? 138  PHE A CB  1 
ATOM   95  C CG  . PHE A 1 18  ? 4.164   1.669   11.336  1.00 112.12 ? 138  PHE A CG  1 
ATOM   96  C CD1 . PHE A 1 18  ? 5.175   0.979   10.661  1.00 114.65 ? 138  PHE A CD1 1 
ATOM   97  C CD2 . PHE A 1 18  ? 4.492   2.883   11.948  1.00 132.70 ? 138  PHE A CD2 1 
ATOM   98  C CE1 . PHE A 1 18  ? 6.478   1.460   10.636  1.00 108.45 ? 138  PHE A CE1 1 
ATOM   99  C CE2 . PHE A 1 18  ? 5.794   3.371   11.920  1.00 118.11 ? 138  PHE A CE2 1 
ATOM   100 C CZ  . PHE A 1 18  ? 6.785   2.658   11.264  1.00 125.44 ? 138  PHE A CZ  1 
ATOM   101 N N   . LYS A 1 41  ? -0.960  -8.970  9.319   1.00 86.56  ? 161  LYS A N   1 
ATOM   102 C CA  . LYS A 1 41  ? -0.413  -9.239  7.997   1.00 80.58  ? 161  LYS A CA  1 
ATOM   103 C C   . LYS A 1 41  ? -1.376  -10.053 7.143   1.00 83.93  ? 161  LYS A C   1 
ATOM   104 O O   . LYS A 1 41  ? -1.664  -11.208 7.459   1.00 82.57  ? 161  LYS A O   1 
ATOM   105 C CB  . LYS A 1 41  ? 0.912   -9.977  8.118   1.00 70.27  ? 161  LYS A CB  1 
ATOM   106 C CG  . LYS A 1 41  ? 1.711   -10.006 6.837   1.00 75.37  ? 161  LYS A CG  1 
ATOM   107 C CD  . LYS A 1 41  ? 3.070   -10.606 7.102   1.00 84.27  ? 161  LYS A CD  1 
ATOM   108 C CE  . LYS A 1 41  ? 3.918   -10.641 5.850   1.00 86.80  ? 161  LYS A CE  1 
ATOM   109 N NZ  . LYS A 1 41  ? 4.969   -11.678 5.998   1.00 88.07  ? 161  LYS A NZ  1 
ATOM   110 N N   . ARG A 1 42  ? -1.875  -9.423  6.078   1.00 75.96  ? 162  ARG A N   1 
ATOM   111 C CA  . ARG A 1 42  ? -2.744  -10.050 5.080   1.00 68.49  ? 162  ARG A CA  1 
ATOM   112 C C   . ARG A 1 42  ? -1.974  -9.984  3.783   1.00 65.37  ? 162  ARG A C   1 
ATOM   113 O O   . ARG A 1 42  ? -1.165  -9.071  3.631   1.00 54.27  ? 162  ARG A O   1 
ATOM   114 C CB  . ARG A 1 42  ? -4.068  -9.283  4.968   1.00 57.02  ? 162  ARG A CB  1 
ATOM   115 N N   . TYR A 1 43  ? -2.196  -10.955 2.880   1.00 60.12  ? 163  TYR A N   1 
ATOM   116 C CA  . TYR A 1 43  ? -1.440  -11.082 1.604   1.00 58.85  ? 163  TYR A CA  1 
ATOM   117 C C   . TYR A 1 43  ? -2.318  -10.764 0.432   1.00 55.23  ? 163  TYR A C   1 
ATOM   118 O O   . TYR A 1 43  ? -3.521  -10.984 0.477   1.00 54.52  ? 163  TYR A O   1 
ATOM   119 C CB  . TYR A 1 43  ? -0.854  -12.483 1.383   1.00 59.12  ? 163  TYR A CB  1 
ATOM   120 C CG  . TYR A 1 43  ? 0.046   -12.908 2.499   1.00 64.45  ? 163  TYR A CG  1 
ATOM   121 C CD1 . TYR A 1 43  ? 1.413   -12.609 2.481   1.00 69.70  ? 163  TYR A CD1 1 
ATOM   122 C CD2 . TYR A 1 43  ? -0.478  -13.580 3.602   1.00 61.82  ? 163  TYR A CD2 1 
ATOM   123 C CE1 . TYR A 1 43  ? 2.228   -12.987 3.535   1.00 82.61  ? 163  TYR A CE1 1 
ATOM   124 C CE2 . TYR A 1 43  ? 0.326   -13.969 4.651   1.00 80.69  ? 163  TYR A CE2 1 
ATOM   125 C CZ  . TYR A 1 43  ? 1.676   -13.673 4.614   1.00 76.93  ? 163  TYR A CZ  1 
ATOM   126 O OH  . TYR A 1 43  ? 2.459   -14.056 5.664   1.00 79.18  ? 163  TYR A OH  1 
ATOM   127 N N   . LEU A 1 44  ? -1.710  -10.281 -0.644  1.00 44.88  ? 164  LEU A N   1 
ATOM   128 C CA  . LEU A 1 44  ? -2.477  -9.798  -1.775  1.00 51.93  ? 164  LEU A CA  1 
ATOM   129 C C   . LEU A 1 44  ? -1.786  -10.042 -3.104  1.00 44.78  ? 164  LEU A C   1 
ATOM   130 O O   . LEU A 1 44  ? -0.591  -9.883  -3.231  1.00 72.95  ? 164  LEU A O   1 
ATOM   131 C CB  . LEU A 1 44  ? -2.789  -8.312  -1.593  1.00 56.86  ? 164  LEU A CB  1 
ATOM   132 C CG  . LEU A 1 44  ? -3.390  -7.835  -0.264  1.00 44.10  ? 164  LEU A CG  1 
ATOM   133 C CD1 . LEU A 1 44  ? -3.533  -6.322  -0.269  1.00 52.98  ? 164  LEU A CD1 1 
ATOM   134 C CD2 . LEU A 1 44  ? -4.735  -8.440  0.078   1.00 43.78  ? 164  LEU A CD2 1 
ATOM   135 N N   . ARG A 1 45  ? -2.556  -10.474 -4.080  1.00 56.91  ? 165  ARG A N   1 
ATOM   136 C CA  . ARG A 1 45  ? -2.100  -10.579 -5.445  1.00 54.23  ? 165  ARG A CA  1 
ATOM   137 C C   . ARG A 1 45  ? -2.899  -9.483  -6.102  1.00 50.27  ? 165  ARG A C   1 
ATOM   138 O O   . ARG A 1 45  ? -4.118  -9.428  -5.959  1.00 62.38  ? 165  ARG A O   1 
ATOM   139 C CB  . ARG A 1 45  ? -2.409  -11.972 -6.038  1.00 62.37  ? 165  ARG A CB  1 
ATOM   140 C CG  . ARG A 1 45  ? -1.420  -13.100 -5.635  1.00 79.54  ? 165  ARG A CG  1 
ATOM   141 C CD  . ARG A 1 45  ? -1.580  -13.675 -4.212  1.00 66.09  ? 165  ARG A CD  1 
ATOM   142 N NE  . ARG A 1 45  ? -3.003  -13.775 -3.886  1.00 94.56  ? 165  ARG A NE  1 
ATOM   143 C CZ  . ARG A 1 45  ? -3.602  -13.366 -2.763  1.00 92.83  ? 165  ARG A CZ  1 
ATOM   144 N NH1 . ARG A 1 45  ? -2.908  -12.898 -1.727  1.00 84.14  ? 165  ARG A NH1 1 
ATOM   145 N NH2 . ARG A 1 45  ? -4.938  -13.478 -2.658  1.00 64.78  ? 165  ARG A NH2 1 
ATOM   146 N N   . CYS A 1 46  ? -2.222  -8.570  -6.775  1.00 48.49  ? 166  CYS A N   1 
ATOM   147 C CA  . CYS A 1 46  ? -2.898  -7.404  -7.328  1.00 47.65  ? 166  CYS A CA  1 
ATOM   148 C C   . CYS A 1 46  ? -2.327  -7.041  -8.672  1.00 38.24  ? 166  CYS A C   1 
ATOM   149 O O   . CYS A 1 46  ? -1.217  -7.441  -9.003  1.00 51.41  ? 166  CYS A O   1 
ATOM   150 C CB  . CYS A 1 46  ? -2.738  -6.199  -6.383  1.00 65.52  ? 166  CYS A CB  1 
ATOM   151 S SG  . CYS A 1 46  ? -2.149  -6.570  -4.697  1.00 63.90  ? 166  CYS A SG  1 
ATOM   152 N N   . PRO A 1 47  ? -3.072  -6.262  -9.453  1.00 34.36  ? 167  PRO A N   1 
ATOM   153 C CA  . PRO A 1 47  ? -2.464  -5.681  -10.646 1.00 40.53  ? 167  PRO A CA  1 
ATOM   154 C C   . PRO A 1 47  ? -1.412  -4.672  -10.279 1.00 45.95  ? 167  PRO A C   1 
ATOM   155 O O   . PRO A 1 47  ? -1.644  -3.814  -9.404  1.00 56.23  ? 167  PRO A O   1 
ATOM   156 C CB  . PRO A 1 47  ? -3.650  -4.999  -11.340 1.00 46.55  ? 167  PRO A CB  1 
ATOM   157 C CG  . PRO A 1 47  ? -4.860  -5.698  -10.794 1.00 45.21  ? 167  PRO A CG  1 
ATOM   158 C CD  . PRO A 1 47  ? -4.503  -5.916  -9.359  1.00 44.48  ? 167  PRO A CD  1 
ATOM   159 N N   . ALA A 1 48  ? -0.263  -4.766  -10.934 1.00 51.29  ? 168  ALA A N   1 
ATOM   160 C CA  . ALA A 1 48  ? 0.863   -3.873  -10.616 1.00 54.11  ? 168  ALA A CA  1 
ATOM   161 C C   . ALA A 1 48  ? 0.560   -2.387  -10.906 1.00 36.34  ? 168  ALA A C   1 
ATOM   162 O O   . ALA A 1 48  ? 1.210   -1.499  -10.352 1.00 55.62  ? 168  ALA A O   1 
ATOM   163 C CB  . ALA A 1 48  ? 2.116   -4.331  -11.347 1.00 70.45  ? 168  ALA A CB  1 
ATOM   164 N N   . ALA A 1 49  ? -0.428  -2.138  -11.756 1.00 44.95  ? 169  ALA A N   1 
ATOM   165 C CA  . ALA A 1 49  ? -0.934  -0.796  -12.120 1.00 49.07  ? 169  ALA A CA  1 
ATOM   166 C C   . ALA A 1 49  ? -1.724  -0.081  -11.035 1.00 45.33  ? 169  ALA A C   1 
ATOM   167 O O   . ALA A 1 49  ? -1.952  1.115   -11.130 1.00 52.65  ? 169  ALA A O   1 
ATOM   168 C CB  . ALA A 1 49  ? -1.825  -0.923  -13.345 1.00 45.70  ? 169  ALA A CB  1 
ATOM   169 N N   . MET A 1 50  ? -2.167  -0.816  -10.033 1.00 47.87  ? 170  MET A N   1 
ATOM   170 C CA  . MET A 1 50  ? -2.871  -0.255  -8.874  1.00 62.08  ? 170  MET A CA  1 
ATOM   171 C C   . MET A 1 50  ? -2.002  0.718   -8.067  1.00 48.16  ? 170  MET A C   1 
ATOM   172 O O   . MET A 1 50  ? -0.820  0.492   -7.913  1.00 47.32  ? 170  MET A O   1 
ATOM   173 C CB  . MET A 1 50  ? -3.286  -1.385  -7.921  1.00 57.94  ? 170  MET A CB  1 
ATOM   174 C CG  . MET A 1 50  ? -4.655  -1.206  -7.294  1.00 72.15  ? 170  MET A CG  1 
ATOM   175 S SD  . MET A 1 50  ? -4.674  -1.853  -5.617  1.00 91.10  ? 170  MET A SD  1 
ATOM   176 C CE  . MET A 1 50  ? -3.891  -3.450  -5.814  1.00 81.05  ? 170  MET A CE  1 
ATOM   177 N N   . THR A 1 51  ? -2.629  1.727   -7.465  1.00 48.72  ? 171  THR A N   1 
ATOM   178 C CA  . THR A 1 51  ? -1.936  2.826   -6.825  1.00 42.52  ? 171  THR A CA  1 
ATOM   179 C C   . THR A 1 51  ? -2.139  2.813   -5.347  1.00 43.03  ? 171  THR A C   1 
ATOM   180 O O   . THR A 1 51  ? -3.029  2.144   -4.844  1.00 55.77  ? 171  THR A O   1 
ATOM   181 C CB  . THR A 1 51  ? -2.438  4.199   -7.323  1.00 50.14  ? 171  THR A CB  1 
ATOM   182 O OG1 . THR A 1 51  ? -3.794  4.404   -6.903  1.00 51.15  ? 171  THR A OG1 1 
ATOM   183 C CG2 . THR A 1 51  ? -2.337  4.297   -8.813  1.00 47.53  ? 171  THR A CG2 1 
ATOM   184 N N   . VAL A 1 52  ? -1.323  3.613   -4.659  1.00 53.63  ? 172  VAL A N   1 
ATOM   185 C CA  . VAL A 1 52  ? -1.419  3.826   -3.213  1.00 42.26  ? 172  VAL A CA  1 
ATOM   186 C C   . VAL A 1 52  ? -2.806  4.372   -2.869  1.00 44.57  ? 172  VAL A C   1 
ATOM   187 O O   . VAL A 1 52  ? -3.449  3.932   -1.889  1.00 35.24  ? 172  VAL A O   1 
ATOM   188 C CB  . VAL A 1 52  ? -0.308  4.791   -2.738  1.00 41.82  ? 172  VAL A CB  1 
ATOM   189 C CG1 . VAL A 1 52  ? -0.533  5.282   -1.311  1.00 38.06  ? 172  VAL A CG1 1 
ATOM   190 C CG2 . VAL A 1 52  ? 1.048   4.115   -2.873  1.00 40.52  ? 172  VAL A CG2 1 
ATOM   191 N N   . MET A 1 53  ? -3.281  5.318   -3.683  1.00 43.03  ? 173  MET A N   1 
ATOM   192 C CA  . MET A 1 53  ? -4.650  5.829   -3.525  1.00 42.73  ? 173  MET A CA  1 
ATOM   193 C C   . MET A 1 53  ? -5.665  4.686   -3.484  1.00 37.95  ? 173  MET A C   1 
ATOM   194 O O   . MET A 1 53  ? -6.508  4.691   -2.602  1.00 47.00  ? 173  MET A O   1 
ATOM   195 C CB  . MET A 1 53  ? -5.023  6.801   -4.625  1.00 50.52  ? 173  MET A CB  1 
ATOM   196 C CG  . MET A 1 53  ? -6.357  7.485   -4.382  1.00 63.41  ? 173  MET A CG  1 
ATOM   197 S SD  . MET A 1 53  ? -7.187  7.926   -5.911  1.00 97.40  ? 173  MET A SD  1 
ATOM   198 C CE  . MET A 1 53  ? -6.755  9.676   -5.932  1.00 78.73  ? 173  MET A CE  1 
ATOM   199 N N   . HIS A 1 54  ? -5.571  3.713   -4.400  1.00 42.60  ? 174  HIS A N   1 
ATOM   200 C CA  . HIS A 1 54  ? -6.478  2.533   -4.396  1.00 37.66  ? 174  HIS A CA  1 
ATOM   201 C C   . HIS A 1 54  ? -6.353  1.666   -3.154  1.00 39.88  ? 174  HIS A C   1 
ATOM   202 O O   . HIS A 1 54  ? -7.345  1.211   -2.614  1.00 48.35  ? 174  HIS A O   1 
ATOM   203 C CB  . HIS A 1 54  ? -6.310  1.661   -5.652  1.00 39.06  ? 174  HIS A CB  1 
ATOM   204 C CG  . HIS A 1 54  ? -6.711  2.364   -6.906  1.00 40.36  ? 174  HIS A CG  1 
ATOM   205 N ND1 . HIS A 1 54  ? -6.015  2.253   -8.085  1.00 48.73  ? 174  HIS A ND1 1 
ATOM   206 C CD2 . HIS A 1 54  ? -7.714  3.231   -7.144  1.00 36.87  ? 174  HIS A CD2 1 
ATOM   207 C CE1 . HIS A 1 54  ? -6.575  3.020   -8.995  1.00 44.22  ? 174  HIS A CE1 1 
ATOM   208 N NE2 . HIS A 1 54  ? -7.608  3.623   -8.447  1.00 51.56  ? 174  HIS A NE2 1 
ATOM   209 N N   . LEU A 1 55  ? -5.140  1.435   -2.695  1.00 39.83  ? 175  LEU A N   1 
ATOM   210 C CA  . LEU A 1 55  ? -4.938  0.654   -1.487  1.00 35.67  ? 175  LEU A CA  1 
ATOM   211 C C   . LEU A 1 55  ? -5.499  1.318   -0.265  1.00 41.56  ? 175  LEU A C   1 
ATOM   212 O O   . LEU A 1 55  ? -6.122  0.653   0.588   1.00 55.55  ? 175  LEU A O   1 
ATOM   213 C CB  . LEU A 1 55  ? -3.461  0.440   -1.234  1.00 43.10  ? 175  LEU A CB  1 
ATOM   214 C CG  . LEU A 1 55  ? -2.841  -0.606  -2.122  1.00 66.21  ? 175  LEU A CG  1 
ATOM   215 C CD1 . LEU A 1 55  ? -1.353  -0.335  -2.255  1.00 80.79  ? 175  LEU A CD1 1 
ATOM   216 C CD2 . LEU A 1 55  ? -3.128  -1.973  -1.517  1.00 71.20  ? 175  LEU A CD2 1 
ATOM   217 N N   . ARG A 1 56  ? -5.245  2.614   -0.135  1.00 35.06  ? 176  ARG A N   1 
ATOM   218 C CA  . ARG A 1 56  ? -5.763  3.365   1.009   1.00 36.33  ? 176  ARG A CA  1 
ATOM   219 C C   . ARG A 1 56  ? -7.287  3.201   1.061   1.00 33.19  ? 176  ARG A C   1 
ATOM   220 O O   . ARG A 1 56  ? -7.854  3.024   2.119   1.00 38.66  ? 176  ARG A O   1 
ATOM   221 C CB  . ARG A 1 56  ? -5.375  4.829   0.858   1.00 44.31  ? 176  ARG A CB  1 
ATOM   222 C CG  . ARG A 1 56  ? -6.117  5.764   1.794   1.00 71.80  ? 176  ARG A CG  1 
ATOM   223 C CD  . ARG A 1 56  ? -5.641  7.212   1.757   1.00 67.23  ? 176  ARG A CD  1 
ATOM   224 N NE  . ARG A 1 56  ? -4.179  7.344   1.708   1.00 56.04  ? 176  ARG A NE  1 
ATOM   225 C CZ  . ARG A 1 56  ? -3.491  7.941   0.740   1.00 61.66  ? 176  ARG A CZ  1 
ATOM   226 N NH1 . ARG A 1 56  ? -4.135  8.493   -0.281  1.00 58.37  ? 176  ARG A NH1 1 
ATOM   227 N NH2 . ARG A 1 56  ? -2.140  7.980   0.790   1.00 63.91  ? 176  ARG A NH2 1 
ATOM   228 N N   . LYS A 1 57  ? -7.923  3.251   -0.112  1.00 35.00  ? 177  LYS A N   1 
ATOM   229 C CA  . LYS A 1 57  ? -9.368  3.116   -0.252  1.00 41.44  ? 177  LYS A CA  1 
ATOM   230 C C   . LYS A 1 57  ? -9.840  1.727   0.053   1.00 33.81  ? 177  LYS A C   1 
ATOM   231 O O   . LYS A 1 57  ? -10.898 1.555   0.614   1.00 39.51  ? 177  LYS A O   1 
ATOM   232 C CB  . LYS A 1 57  ? -9.855  3.538   -1.643  1.00 41.40  ? 177  LYS A CB  1 
ATOM   233 C CG  . LYS A 1 57  ? -9.910  5.052   -1.817  1.00 52.27  ? 177  LYS A CG  1 
ATOM   234 C CD  . LYS A 1 57  ? -10.139 5.438   -3.265  1.00 62.17  ? 177  LYS A CD  1 
ATOM   235 C CE  . LYS A 1 57  ? -10.562 6.895   -3.402  1.00 69.55  ? 177  LYS A CE  1 
ATOM   236 N NZ  . LYS A 1 57  ? -10.802 7.246   -4.828  1.00 77.74  ? 177  LYS A NZ  1 
ATOM   237 N N   . PHE A 1 58  ? -9.054  0.749   -0.326  1.00 36.72  ? 178  PHE A N   1 
ATOM   238 C CA  . PHE A 1 58  ? -9.319  -0.605  0.036   1.00 43.37  ? 178  PHE A CA  1 
ATOM   239 C C   . PHE A 1 58  ? -9.269  -0.758  1.556   1.00 47.20  ? 178  PHE A C   1 
ATOM   240 O O   . PHE A 1 58  ? -10.172 -1.373  2.160   1.00 52.06  ? 178  PHE A O   1 
ATOM   241 C CB  . PHE A 1 58  ? -8.318  -1.555  -0.625  1.00 42.17  ? 178  PHE A CB  1 
ATOM   242 C CG  . PHE A 1 58  ? -8.318  -2.911  -0.015  1.00 31.03  ? 178  PHE A CG  1 
ATOM   243 C CD1 . PHE A 1 58  ? -9.295  -3.846  -0.376  1.00 33.12  ? 178  PHE A CD1 1 
ATOM   244 C CD2 . PHE A 1 58  ? -7.393  -3.246  0.972   1.00 34.31  ? 178  PHE A CD2 1 
ATOM   245 C CE1 . PHE A 1 58  ? -9.313  -5.117  0.210   1.00 45.64  ? 178  PHE A CE1 1 
ATOM   246 C CE2 . PHE A 1 58  ? -7.411  -4.516  1.566   1.00 53.15  ? 178  PHE A CE2 1 
ATOM   247 C CZ  . PHE A 1 58  ? -8.377  -5.462  1.186   1.00 46.16  ? 178  PHE A CZ  1 
ATOM   248 N N   . LEU A 1 59  ? -8.222  -0.214  2.177   1.00 43.90  ? 179  LEU A N   1 
ATOM   249 C CA  . LEU A 1 59  ? -8.119  -0.289  3.647   1.00 45.47  ? 179  LEU A CA  1 
ATOM   250 C C   . LEU A 1 59  ? -9.261  0.434   4.354   1.00 44.73  ? 179  LEU A C   1 
ATOM   251 O O   . LEU A 1 59  ? -9.897  -0.111  5.265   1.00 40.27  ? 179  LEU A O   1 
ATOM   252 C CB  . LEU A 1 59  ? -6.799  0.271   4.112   1.00 40.12  ? 179  LEU A CB  1 
ATOM   253 C CG  . LEU A 1 59  ? -5.646  -0.629  3.704   1.00 46.52  ? 179  LEU A CG  1 
ATOM   254 C CD1 . LEU A 1 59  ? -4.322  0.111   3.850   1.00 55.77  ? 179  LEU A CD1 1 
ATOM   255 C CD2 . LEU A 1 59  ? -5.654  -1.903  4.519   1.00 52.64  ? 179  LEU A CD2 1 
ATOM   256 N N   . ARG A 1 60  ? -9.529  1.642   3.882   1.00 37.35  ? 180  ARG A N   1 
ATOM   257 C CA  . ARG A 1 60  ? -10.630 2.443   4.373   1.00 54.15  ? 180  ARG A CA  1 
ATOM   258 C C   . ARG A 1 60  ? -11.907 1.639   4.437   1.00 48.09  ? 180  ARG A C   1 
ATOM   259 O O   . ARG A 1 60  ? -12.551 1.566   5.486   1.00 47.74  ? 180  ARG A O   1 
ATOM   260 C CB  . ARG A 1 60  ? -10.818 3.648   3.471   1.00 57.47  ? 180  ARG A CB  1 
ATOM   261 C CG  . ARG A 1 60  ? -11.917 4.606   3.930   1.00 50.35  ? 180  ARG A CG  1 
ATOM   262 C CD  . ARG A 1 60  ? -11.485 6.046   3.702   1.00 45.13  ? 180  ARG A CD  1 
ATOM   263 N NE  . ARG A 1 60  ? -11.191 6.648   4.983   1.00 55.53  ? 180  ARG A NE  1 
ATOM   264 C CZ  . ARG A 1 60  ? -10.177 7.449   5.275   1.00 55.21  ? 180  ARG A CZ  1 
ATOM   265 N NH1 . ARG A 1 60  ? -9.267  7.804   4.384   1.00 63.06  ? 180  ARG A NH1 1 
ATOM   266 N NH2 . ARG A 1 60  ? -10.083 7.900   6.516   1.00 79.86  ? 180  ARG A NH2 1 
ATOM   267 N N   . SER A 1 61  ? -12.243 1.002   3.319   1.00 42.71  ? 181  SER A N   1 
ATOM   268 C CA  . SER A 1 61  ? -13.393 0.085   3.281   1.00 40.60  ? 181  SER A CA  1 
ATOM   269 C C   . SER A 1 61  ? -13.221 -1.196  4.115   1.00 40.68  ? 181  SER A C   1 
ATOM   270 O O   . SER A 1 61  ? -14.025 -1.449  4.973   1.00 43.78  ? 181  SER A O   1 
ATOM   271 C CB  . SER A 1 61  ? -13.762 -0.290  1.869   1.00 38.20  ? 181  SER A CB  1 
ATOM   272 O OG  . SER A 1 61  ? -14.872 -1.156  1.922   1.00 54.13  ? 181  SER A OG  1 
ATOM   273 N N   . LYS A 1 62  ? -12.172 -1.979  3.895   1.00 38.19  ? 182  LYS A N   1 
ATOM   274 C CA  . LYS A 1 62  ? -11.973 -3.212  4.671   1.00 39.92  ? 182  LYS A CA  1 
ATOM   275 C C   . LYS A 1 62  ? -12.151 -3.009  6.172   1.00 42.56  ? 182  LYS A C   1 
ATOM   276 O O   . LYS A 1 62  ? -12.904 -3.749  6.781   1.00 55.99  ? 182  LYS A O   1 
ATOM   277 C CB  . LYS A 1 62  ? -10.595 -3.817  4.357   1.00 45.92  ? 182  LYS A CB  1 
ATOM   278 C CG  . LYS A 1 62  ? -10.124 -4.985  5.223   1.00 55.53  ? 182  LYS A CG  1 
ATOM   279 C CD  . LYS A 1 62  ? -10.671 -6.328  4.761   1.00 75.59  ? 182  LYS A CD  1 
ATOM   280 C CE  . LYS A 1 62  ? -10.330 -7.438  5.762   1.00 81.32  ? 182  LYS A CE  1 
ATOM   281 N NZ  . LYS A 1 62  ? -11.252 -8.607  5.638   1.00 83.60  ? 182  LYS A NZ  1 
ATOM   282 N N   . MET A 1 63  ? -11.472 -2.008  6.750   1.00 49.32  ? 183  MET A N   1 
ATOM   283 C CA  . MET A 1 63  ? -11.488 -1.746  8.215   1.00 43.35  ? 183  MET A CA  1 
ATOM   284 C C   . MET A 1 63  ? -12.588 -0.786  8.655   1.00 41.96  ? 183  MET A C   1 
ATOM   285 O O   . MET A 1 63  ? -12.676 -0.453  9.825   1.00 48.42  ? 183  MET A O   1 
ATOM   286 C CB  . MET A 1 63  ? -10.157 -1.121  8.667   1.00 53.48  ? 183  MET A CB  1 
ATOM   287 C CG  . MET A 1 63  ? -8.899  -1.874  8.289   1.00 59.23  ? 183  MET A CG  1 
ATOM   288 S SD  . MET A 1 63  ? -8.911  -3.576  8.828   1.00 61.14  ? 183  MET A SD  1 
ATOM   289 C CE  . MET A 1 63  ? -9.076  -3.309  10.592  1.00 53.64  ? 183  MET A CE  1 
ATOM   290 N N   . ASP A 1 64  ? -13.392 -0.295  7.727   1.00 40.22  ? 184  ASP A N   1 
ATOM   291 C CA  . ASP A 1 64  ? -14.415 0.696   8.045   1.00 56.18  ? 184  ASP A CA  1 
ATOM   292 C C   . ASP A 1 64  ? -13.858 1.992   8.698   1.00 48.90  ? 184  ASP A C   1 
ATOM   293 O O   . ASP A 1 64  ? -14.369 2.472   9.704   1.00 47.49  ? 184  ASP A O   1 
ATOM   294 C CB  . ASP A 1 64  ? -15.505 0.058   8.916   1.00 56.45  ? 184  ASP A CB  1 
ATOM   295 C CG  . ASP A 1 64  ? -16.766 0.894   8.965   1.00 73.54  ? 184  ASP A CG  1 
ATOM   296 O OD1 . ASP A 1 64  ? -17.058 1.589   7.961   1.00 73.83  ? 184  ASP A OD1 1 
ATOM   297 O OD2 . ASP A 1 64  ? -17.461 0.855   10.007  1.00 97.94  ? 184  ASP A OD2 1 
ATOM   298 N N   . ILE A 1 65  ? -12.816 2.548   8.108   1.00 45.83  ? 185  ILE A N   1 
ATOM   299 C CA  . ILE A 1 65  ? -12.111 3.673   8.708   1.00 62.10  ? 185  ILE A CA  1 
ATOM   300 C C   . ILE A 1 65  ? -12.773 4.997   8.350   1.00 51.71  ? 185  ILE A C   1 
ATOM   301 O O   . ILE A 1 65  ? -12.776 5.371   7.203   1.00 61.01  ? 185  ILE A O   1 
ATOM   302 C CB  . ILE A 1 65  ? -10.643 3.713   8.256   1.00 60.68  ? 185  ILE A CB  1 
ATOM   303 C CG1 . ILE A 1 65  ? -9.894  2.507   8.837   1.00 58.02  ? 185  ILE A CG1 1 
ATOM   304 C CG2 . ILE A 1 65  ? -9.974  5.012   8.685   1.00 53.37  ? 185  ILE A CG2 1 
ATOM   305 C CD1 . ILE A 1 65  ? -8.670  2.119   8.033   1.00 58.22  ? 185  ILE A CD1 1 
ATOM   306 N N   . PRO A 1 66  ? -13.280 5.735   9.349   1.00 56.59  ? 186  PRO A N   1 
ATOM   307 C CA  . PRO A 1 66  ? -13.990 6.992   9.085   1.00 50.20  ? 186  PRO A CA  1 
ATOM   308 C C   . PRO A 1 66  ? -13.092 8.151   8.592   1.00 52.92  ? 186  PRO A C   1 
ATOM   309 O O   . PRO A 1 66  ? -11.875 8.155   8.823   1.00 51.40  ? 186  PRO A O   1 
ATOM   310 C CB  . PRO A 1 66  ? -14.608 7.315   10.443  1.00 49.23  ? 186  PRO A CB  1 
ATOM   311 C CG  . PRO A 1 66  ? -13.653 6.744   11.407  1.00 57.17  ? 186  PRO A CG  1 
ATOM   312 C CD  . PRO A 1 66  ? -13.163 5.473   10.794  1.00 57.55  ? 186  PRO A CD  1 
ATOM   313 N N   . ASN A 1 67  ? -13.709 9.129   7.926   1.00 58.52  ? 187  ASN A N   1 
ATOM   314 C CA  . ASN A 1 67  ? -12.994 10.311  7.392   1.00 62.96  ? 187  ASN A CA  1 
ATOM   315 C C   . ASN A 1 67  ? -12.384 11.183  8.487   1.00 55.97  ? 187  ASN A C   1 
ATOM   316 O O   . ASN A 1 67  ? -11.487 11.985  8.264   1.00 61.09  ? 187  ASN A O   1 
ATOM   317 C CB  . ASN A 1 67  ? -13.901 11.146  6.476   1.00 82.81  ? 187  ASN A CB  1 
ATOM   318 C CG  . ASN A 1 67  ? -14.120 10.501  5.103   1.00 107.31 ? 187  ASN A CG  1 
ATOM   319 O OD1 . ASN A 1 67  ? -13.489 9.486   4.745   1.00 67.52  ? 187  ASN A OD1 1 
ATOM   320 N ND2 . ASN A 1 67  ? -15.016 11.101  4.318   1.00 108.34 ? 187  ASN A ND2 1 
ATOM   321 N N   . THR A 1 68  ? -12.835 10.952  9.699   1.00 52.25  ? 188  THR A N   1 
ATOM   322 C CA  . THR A 1 68  ? -12.179 11.461  10.878  1.00 53.21  ? 188  THR A CA  1 
ATOM   323 C C   . THR A 1 68  ? -10.667 11.092  10.999  1.00 56.19  ? 188  THR A C   1 
ATOM   324 O O   . THR A 1 68  ? -9.959  11.707  11.812  1.00 54.09  ? 188  THR A O   1 
ATOM   325 C CB  . THR A 1 68  ? -12.999 10.993  12.102  1.00 56.48  ? 188  THR A CB  1 
ATOM   326 O OG1 . THR A 1 68  ? -13.051 12.012  13.102  1.00 56.61  ? 188  THR A OG1 1 
ATOM   327 C CG2 . THR A 1 68  ? -12.452 9.740   12.641  1.00 52.53  ? 188  THR A CG2 1 
ATOM   328 N N   . PHE A 1 69  ? -10.187 10.101  10.215  1.00 54.48  ? 189  PHE A N   1 
ATOM   329 C CA  . PHE A 1 69  ? -8.764  9.709   10.194  1.00 49.82  ? 189  PHE A CA  1 
ATOM   330 C C   . PHE A 1 69  ? -8.141  9.726   8.796   1.00 46.76  ? 189  PHE A C   1 
ATOM   331 O O   . PHE A 1 69  ? -8.859  9.598   7.821   1.00 58.54  ? 189  PHE A O   1 
ATOM   332 C CB  . PHE A 1 69  ? -8.617  8.297   10.764  1.00 44.21  ? 189  PHE A CB  1 
ATOM   333 C CG  . PHE A 1 69  ? -8.614  8.257   12.235  1.00 37.96  ? 189  PHE A CG  1 
ATOM   334 C CD1 . PHE A 1 69  ? -7.441  8.466   12.938  1.00 47.38  ? 189  PHE A CD1 1 
ATOM   335 C CD2 . PHE A 1 69  ? -9.772  8.006   12.936  1.00 52.05  ? 189  PHE A CD2 1 
ATOM   336 C CE1 . PHE A 1 69  ? -7.419  8.456   14.320  1.00 37.79  ? 189  PHE A CE1 1 
ATOM   337 C CE2 . PHE A 1 69  ? -9.768  7.981   14.328  1.00 45.23  ? 189  PHE A CE2 1 
ATOM   338 C CZ  . PHE A 1 69  ? -8.586  8.195   15.014  1.00 39.65  ? 189  PHE A CZ  1 
ATOM   339 N N   . GLN A 1 70  ? -6.808  9.841   8.734   1.00 37.43  ? 190  GLN A N   1 
ATOM   340 C CA  . GLN A 1 70  ? -5.988  9.681   7.519   1.00 40.44  ? 190  GLN A CA  1 
ATOM   341 C C   . GLN A 1 70  ? -5.241  8.366   7.573   1.00 37.39  ? 190  GLN A C   1 
ATOM   342 O O   . GLN A 1 70  ? -4.893  7.921   8.647   1.00 39.81  ? 190  GLN A O   1 
ATOM   343 C CB  . GLN A 1 70  ? -4.908  10.769  7.472   1.00 49.80  ? 190  GLN A CB  1 
ATOM   344 C CG  . GLN A 1 70  ? -5.449  12.153  7.204   1.00 83.00  ? 190  GLN A CG  1 
ATOM   345 C CD  . GLN A 1 70  ? -5.454  12.558  5.738   1.00 101.11 ? 190  GLN A CD  1 
ATOM   346 O OE1 . GLN A 1 70  ? -6.498  12.943  5.215   1.00 89.47  ? 190  GLN A OE1 1 
ATOM   347 N NE2 . GLN A 1 70  ? -4.289  12.500  5.076   1.00 94.76  ? 190  GLN A NE2 1 
ATOM   348 N N   . ILE A 1 71  ? -4.937  7.801   6.411   1.00 40.27  ? 191  ILE A N   1 
ATOM   349 C CA  . ILE A 1 71  ? -4.212  6.549   6.264   1.00 38.77  ? 191  ILE A CA  1 
ATOM   350 C C   . ILE A 1 71  ? -2.901  6.789   5.519   1.00 35.94  ? 191  ILE A C   1 
ATOM   351 O O   . ILE A 1 71  ? -2.896  7.123   4.335   1.00 43.44  ? 191  ILE A O   1 
ATOM   352 C CB  . ILE A 1 71  ? -4.967  5.499   5.400   1.00 39.01  ? 191  ILE A CB  1 
ATOM   353 C CG1 . ILE A 1 71  ? -6.469  5.521   5.641   1.00 44.10  ? 191  ILE A CG1 1 
ATOM   354 C CG2 . ILE A 1 71  ? -4.418  4.088   5.628   1.00 41.57  ? 191  ILE A CG2 1 
ATOM   355 C CD1 . ILE A 1 71  ? -6.856  5.345   7.064   1.00 48.13  ? 191  ILE A CD1 1 
ATOM   356 N N   . ASP A 1 72  ? -1.795  6.525   6.177   1.00 38.11  ? 192  ASP A N   1 
ATOM   357 C CA  . ASP A 1 72  ? -0.525  6.521   5.496   1.00 41.47  ? 192  ASP A CA  1 
ATOM   358 C C   . ASP A 1 72  ? -0.190  5.096   5.122   1.00 47.57  ? 192  ASP A C   1 
ATOM   359 O O   . ASP A 1 72  ? -0.169  4.218   5.985   1.00 42.51  ? 192  ASP A O   1 
ATOM   360 C CB  . ASP A 1 72  ? 0.551   7.099   6.401   1.00 51.28  ? 192  ASP A CB  1 
ATOM   361 C CG  . ASP A 1 72  ? 0.216   8.507   6.865   1.00 57.91  ? 192  ASP A CG  1 
ATOM   362 O OD1 . ASP A 1 72  ? -0.268  9.304   6.028   1.00 50.35  ? 192  ASP A OD1 1 
ATOM   363 O OD2 . ASP A 1 72  ? 0.410   8.799   8.062   1.00 53.20  ? 192  ASP A OD2 1 
ATOM   364 N N   . VAL A 1 73  ? 0.053   4.880   3.836   1.00 42.45  ? 193  VAL A N   1 
ATOM   365 C CA  . VAL A 1 73  ? 0.616   3.647   3.348   1.00 41.96  ? 193  VAL A CA  1 
ATOM   366 C C   . VAL A 1 73  ? 2.119   3.860   3.169   1.00 40.48  ? 193  VAL A C   1 
ATOM   367 O O   . VAL A 1 73  ? 2.540   4.805   2.524   1.00 46.59  ? 193  VAL A O   1 
ATOM   368 C CB  . VAL A 1 73  ? -0.035  3.183   2.034   1.00 46.36  ? 193  VAL A CB  1 
ATOM   369 C CG1 . VAL A 1 73  ? 0.694   1.957   1.456   1.00 43.15  ? 193  VAL A CG1 1 
ATOM   370 C CG2 . VAL A 1 73  ? -1.502  2.855   2.264   1.00 50.51  ? 193  VAL A CG2 1 
ATOM   371 N N   . MET A 1 74  ? 2.892   2.920   3.707   1.00 42.46  ? 194  MET A N   1 
ATOM   372 C CA  . MET A 1 74  ? 4.320   3.020   3.846   1.00 52.95  ? 194  MET A CA  1 
ATOM   373 C C   . MET A 1 74  ? 5.029   1.761   3.366   1.00 55.62  ? 194  MET A C   1 
ATOM   374 O O   . MET A 1 74  ? 4.489   0.648   3.437   1.00 41.74  ? 194  MET A O   1 
ATOM   375 C CB  . MET A 1 74  ? 4.655   3.213   5.321   1.00 52.02  ? 194  MET A CB  1 
ATOM   376 C CG  . MET A 1 74  ? 3.916   4.372   5.970   1.00 62.16  ? 194  MET A CG  1 
ATOM   377 S SD  . MET A 1 74  ? 4.142   4.300   7.724   1.00 66.30  ? 194  MET A SD  1 
ATOM   378 C CE  . MET A 1 74  ? 3.036   2.968   8.136   1.00 80.25  ? 194  MET A CE  1 
ATOM   379 N N   . TYR A 1 75  ? 6.271   1.938   2.943   1.00 54.86  ? 195  TYR A N   1 
ATOM   380 C CA  . TYR A 1 75  ? 7.083   0.817   2.549   1.00 70.66  ? 195  TYR A CA  1 
ATOM   381 C C   . TYR A 1 75  ? 7.862   0.360   3.763   1.00 72.15  ? 195  TYR A C   1 
ATOM   382 O O   . TYR A 1 75  ? 7.769   -0.790  4.167   1.00 68.95  ? 195  TYR A O   1 
ATOM   383 C CB  . TYR A 1 75  ? 8.043   1.164   1.434   1.00 58.99  ? 195  TYR A CB  1 
ATOM   384 C CG  . TYR A 1 75  ? 8.921   0.004   1.096   1.00 64.30  ? 195  TYR A CG  1 
ATOM   385 C CD1 . TYR A 1 75  ? 8.402   -1.103  0.481   1.00 75.93  ? 195  TYR A CD1 1 
ATOM   386 C CD2 . TYR A 1 75  ? 10.252  -0.004  1.420   1.00 65.70  ? 195  TYR A CD2 1 
ATOM   387 C CE1 . TYR A 1 75  ? 9.182   -2.184  0.187   1.00 77.15  ? 195  TYR A CE1 1 
ATOM   388 C CE2 . TYR A 1 75  ? 11.043  -1.079  1.123   1.00 62.11  ? 195  TYR A CE2 1 
ATOM   389 C CZ  . TYR A 1 75  ? 10.493  -2.167  0.511   1.00 67.89  ? 195  TYR A CZ  1 
ATOM   390 O OH  . TYR A 1 75  ? 11.262  -3.243  0.205   1.00 70.22  ? 195  TYR A OH  1 
ATOM   391 N N   . GLU A 1 76  ? 8.597   1.265   4.375   1.00 57.16  ? 196  GLU A N   1 
ATOM   392 C CA  . GLU A 1 76  ? 9.304   0.913   5.583   1.00 69.38  ? 196  GLU A CA  1 
ATOM   393 C C   . GLU A 1 76  ? 8.793   1.860   6.640   1.00 65.72  ? 196  GLU A C   1 
ATOM   394 O O   . GLU A 1 76  ? 7.809   1.580   7.280   1.00 65.33  ? 196  GLU A O   1 
ATOM   395 C CB  . GLU A 1 76  ? 10.829  0.903   5.416   1.00 64.12  ? 196  GLU A CB  1 
ATOM   396 C CG  . GLU A 1 76  ? 11.417  1.911   4.440   1.00 76.45  ? 196  GLU A CG  1 
ATOM   397 C CD  . GLU A 1 76  ? 12.821  1.554   3.989   1.00 83.39  ? 196  GLU A CD  1 
ATOM   398 O OE1 . GLU A 1 76  ? 13.292  0.461   4.314   1.00 77.85  ? 196  GLU A OE1 1 
ATOM   399 O OE2 . GLU A 1 76  ? 13.458  2.349   3.289   1.00 65.68  ? 196  GLU A OE2 1 
ATOM   400 N N   . GLU A 1 77  ? 9.449   2.991   6.807   1.00 71.06  ? 197  GLU A N   1 
ATOM   401 C CA  . GLU A 1 77  ? 8.992   3.980   7.757   1.00 82.92  ? 197  GLU A CA  1 
ATOM   402 C C   . GLU A 1 77  ? 8.535   5.204   7.025   1.00 65.01  ? 197  GLU A C   1 
ATOM   403 O O   . GLU A 1 77  ? 8.131   6.164   7.640   1.00 70.19  ? 197  GLU A O   1 
ATOM   404 C CB  . GLU A 1 77  ? 10.112  4.390   8.695   1.00 80.02  ? 197  GLU A CB  1 
ATOM   405 C CG  . GLU A 1 77  ? 10.968  3.245   9.173   1.00 105.15 ? 197  GLU A CG  1 
ATOM   406 C CD  . GLU A 1 77  ? 10.519  2.704   10.502  1.00 101.98 ? 197  GLU A CD  1 
ATOM   407 O OE1 . GLU A 1 77  ? 10.248  3.512   11.408  1.00 96.75  ? 197  GLU A OE1 1 
ATOM   408 O OE2 . GLU A 1 77  ? 10.441  1.475   10.633  1.00 86.30  ? 197  GLU A OE2 1 
ATOM   409 N N   . GLU A 1 78  ? 8.600   5.175   5.708   1.00 63.70  ? 198  GLU A N   1 
ATOM   410 C CA  . GLU A 1 78  ? 8.212   6.334   4.943   1.00 92.38  ? 198  GLU A CA  1 
ATOM   411 C C   . GLU A 1 78  ? 6.975   6.206   4.107   1.00 75.99  ? 198  GLU A C   1 
ATOM   412 O O   . GLU A 1 78  ? 6.849   5.314   3.302   1.00 47.72  ? 198  GLU A O   1 
ATOM   413 C CB  . GLU A 1 78  ? 9.359   6.794   4.064   1.00 88.80  ? 198  GLU A CB  1 
ATOM   414 C CG  . GLU A 1 78  ? 10.259  5.682   3.601   1.00 94.35  ? 198  GLU A CG  1 
ATOM   415 C CD  . GLU A 1 78  ? 11.369  6.183   2.720   1.00 99.41  ? 198  GLU A CD  1 
ATOM   416 O OE1 . GLU A 1 78  ? 11.377  7.374   2.373   1.00 104.22 ? 198  GLU A OE1 1 
ATOM   417 O OE2 . GLU A 1 78  ? 12.240  5.387   2.376   1.00 85.13  ? 198  GLU A OE2 1 
ATOM   418 N N   . PRO A 1 79  ? 6.070   7.145   4.303   1.00 71.43  ? 199  PRO A N   1 
ATOM   419 C CA  . PRO A 1 79  ? 4.847   7.113   3.519   1.00 65.99  ? 199  PRO A CA  1 
ATOM   420 C C   . PRO A 1 79  ? 5.111   7.274   2.040   1.00 61.28  ? 199  PRO A C   1 
ATOM   421 O O   . PRO A 1 79  ? 6.181   7.746   1.636   1.00 59.76  ? 199  PRO A O   1 
ATOM   422 C CB  . PRO A 1 79  ? 4.035   8.324   4.045   1.00 69.67  ? 199  PRO A CB  1 
ATOM   423 C CG  . PRO A 1 79  ? 4.619   8.656   5.362   1.00 61.44  ? 199  PRO A CG  1 
ATOM   424 C CD  . PRO A 1 79  ? 6.071   8.299   5.229   1.00 81.59  ? 199  PRO A CD  1 
ATOM   425 N N   . LEU A 1 80  ? 4.119   6.886   1.253   1.00 44.74  ? 200  LEU A N   1 
ATOM   426 C CA  . LEU A 1 80  ? 4.240   6.862   -0.169  1.00 43.00  ? 200  LEU A CA  1 
ATOM   427 C C   . LEU A 1 80  ? 3.242   7.844   -0.671  1.00 45.49  ? 200  LEU A C   1 
ATOM   428 O O   . LEU A 1 80  ? 2.275   8.122   0.011   1.00 48.53  ? 200  LEU A O   1 
ATOM   429 C CB  . LEU A 1 80  ? 3.936   5.466   -0.696  1.00 42.80  ? 200  LEU A CB  1 
ATOM   430 C CG  . LEU A 1 80  ? 4.731   4.351   -0.023  1.00 44.67  ? 200  LEU A CG  1 
ATOM   431 C CD1 . LEU A 1 80  ? 4.250   2.965   -0.439  1.00 40.18  ? 200  LEU A CD1 1 
ATOM   432 C CD2 . LEU A 1 80  ? 6.200   4.515   -0.335  1.00 41.50  ? 200  LEU A CD2 1 
ATOM   433 N N   . LYS A 1 81  ? 3.492   8.357   -1.869  1.00 47.14  ? 201  LYS A N   1 
ATOM   434 C CA  . LYS A 1 81  ? 2.642   9.360   -2.478  1.00 48.35  ? 201  LYS A CA  1 
ATOM   435 C C   . LYS A 1 81  ? 1.488   8.582   -3.068  1.00 42.24  ? 201  LYS A C   1 
ATOM   436 O O   . LYS A 1 81  ? 1.626   7.413   -3.411  1.00 50.74  ? 201  LYS A O   1 
ATOM   437 C CB  . LYS A 1 81  ? 3.358   10.169  -3.581  1.00 50.20  ? 201  LYS A CB  1 
ATOM   438 C CG  . LYS A 1 81  ? 4.799   10.596  -3.343  1.00 41.60  ? 201  LYS A CG  1 
ATOM   439 C CD  . LYS A 1 81  ? 4.919   11.779  -2.407  1.00 62.43  ? 201  LYS A CD  1 
ATOM   440 C CE  . LYS A 1 81  ? 6.249   12.512  -2.601  1.00 62.56  ? 201  LYS A CE  1 
ATOM   441 N NZ  . LYS A 1 81  ? 7.393   11.684  -2.174  1.00 66.58  ? 201  LYS A NZ  1 
ATOM   442 N N   . ASP A 1 82  ? 0.351   9.231   -3.193  1.00 39.81  ? 202  ASP A N   1 
ATOM   443 C CA  . ASP A 1 82  ? -0.854  8.536   -3.640  1.00 45.61  ? 202  ASP A CA  1 
ATOM   444 C C   . ASP A 1 82  ? -0.818  8.069   -5.122  1.00 42.59  ? 202  ASP A C   1 
ATOM   445 O O   . ASP A 1 82  ? -1.434  7.065   -5.493  1.00 40.45  ? 202  ASP A O   1 
ATOM   446 C CB  . ASP A 1 82  ? -2.122  9.358   -3.262  1.00 56.08  ? 202  ASP A CB  1 
ATOM   447 C CG  . ASP A 1 82  ? -2.151  10.758  -3.876  1.00 75.07  ? 202  ASP A CG  1 
ATOM   448 O OD1 . ASP A 1 82  ? -1.097  11.254  -4.324  1.00 75.87  ? 202  ASP A OD1 1 
ATOM   449 O OD2 . ASP A 1 82  ? -3.237  11.379  -3.886  1.00 100.41 ? 202  ASP A OD2 1 
ATOM   450 N N   . TYR A 1 83  ? -0.070  8.773   -5.964  1.00 47.95  ? 203  TYR A N   1 
ATOM   451 C CA  . TYR A 1 83  ? 0.013   8.408   -7.402  1.00 38.99  ? 203  TYR A CA  1 
ATOM   452 C C   . TYR A 1 83  ? 0.962   7.212   -7.656  1.00 42.28  ? 203  TYR A C   1 
ATOM   453 O O   . TYR A 1 83  ? 0.888   6.563   -8.705  1.00 38.30  ? 203  TYR A O   1 
ATOM   454 C CB  . TYR A 1 83  ? 0.375   9.618   -8.294  1.00 37.35  ? 203  TYR A CB  1 
ATOM   455 C CG  . TYR A 1 83  ? 1.718   10.231  -7.982  1.00 45.13  ? 203  TYR A CG  1 
ATOM   456 C CD1 . TYR A 1 83  ? 2.877   9.761   -8.608  1.00 39.14  ? 203  TYR A CD1 1 
ATOM   457 C CD2 . TYR A 1 83  ? 1.834   11.265  -7.040  1.00 29.26  ? 203  TYR A CD2 1 
ATOM   458 C CE1 . TYR A 1 83  ? 4.117   10.279  -8.287  1.00 31.09  ? 203  TYR A CE1 1 
ATOM   459 C CE2 . TYR A 1 83  ? 3.064   11.791  -6.722  1.00 31.06  ? 203  TYR A CE2 1 
ATOM   460 C CZ  . TYR A 1 83  ? 4.203   11.304  -7.357  1.00 41.18  ? 203  TYR A CZ  1 
ATOM   461 O OH  . TYR A 1 83  ? 5.428   11.849  -7.063  1.00 45.33  ? 203  TYR A OH  1 
ATOM   462 N N   . TYR A 1 84  ? 1.804   6.856   -6.696  1.00 46.16  ? 204  TYR A N   1 
ATOM   463 C CA  . TYR A 1 84  ? 2.657   5.691   -6.908  1.00 46.27  ? 204  TYR A CA  1 
ATOM   464 C C   . TYR A 1 84  ? 1.893   4.415   -7.251  1.00 47.52  ? 204  TYR A C   1 
ATOM   465 O O   . TYR A 1 84  ? 0.927   4.055   -6.607  1.00 46.01  ? 204  TYR A O   1 
ATOM   466 C CB  . TYR A 1 84  ? 3.509   5.402   -5.697  1.00 42.68  ? 204  TYR A CB  1 
ATOM   467 C CG  . TYR A 1 84  ? 4.643   6.358   -5.400  1.00 36.86  ? 204  TYR A CG  1 
ATOM   468 C CD1 . TYR A 1 84  ? 5.044   7.383   -6.280  1.00 37.04  ? 204  TYR A CD1 1 
ATOM   469 C CD2 . TYR A 1 84  ? 5.337   6.202   -4.217  1.00 37.49  ? 204  TYR A CD2 1 
ATOM   470 C CE1 . TYR A 1 84  ? 6.083   8.240   -5.936  1.00 39.66  ? 204  TYR A CE1 1 
ATOM   471 C CE2 . TYR A 1 84  ? 6.379   7.014   -3.875  1.00 38.25  ? 204  TYR A CE2 1 
ATOM   472 C CZ  . TYR A 1 84  ? 6.761   8.034   -4.719  1.00 46.62  ? 204  TYR A CZ  1 
ATOM   473 O OH  . TYR A 1 84  ? 7.833   8.793   -4.276  1.00 40.30  ? 204  TYR A OH  1 
ATOM   474 N N   . THR A 1 85  ? 2.353   3.750   -8.289  1.00 48.73  ? 205  THR A N   1 
ATOM   475 C CA  . THR A 1 85  ? 1.854   2.442   -8.670  1.00 39.93  ? 205  THR A CA  1 
ATOM   476 C C   . THR A 1 85  ? 2.673   1.398   -7.898  1.00 42.22  ? 205  THR A C   1 
ATOM   477 O O   . THR A 1 85  ? 3.751   1.691   -7.368  1.00 45.47  ? 205  THR A O   1 
ATOM   478 C CB  . THR A 1 85  ? 1.933   2.312   -10.212 1.00 49.37  ? 205  THR A CB  1 
ATOM   479 O OG1 . THR A 1 85  ? 0.879   1.490   -10.708 1.00 63.31  ? 205  THR A OG1 1 
ATOM   480 C CG2 . THR A 1 85  ? 3.255   1.776   -10.679 1.00 36.67  ? 205  THR A CG2 1 
ATOM   481 N N   . LEU A 1 86  ? 2.171   0.179   -7.797  1.00 37.66  ? 206  LEU A N   1 
ATOM   482 C CA  . LEU A 1 86  ? 2.938   -0.861  -7.116  1.00 33.48  ? 206  LEU A CA  1 
ATOM   483 C C   . LEU A 1 86  ? 4.269   -1.168  -7.829  1.00 38.66  ? 206  LEU A C   1 
ATOM   484 O O   . LEU A 1 86  ? 5.291   -1.464  -7.185  1.00 40.41  ? 206  LEU A O   1 
ATOM   485 C CB  . LEU A 1 86  ? 2.097   -2.111  -6.999  1.00 54.12  ? 206  LEU A CB  1 
ATOM   486 C CG  . LEU A 1 86  ? 0.942   -1.976  -6.005  1.00 47.92  ? 206  LEU A CG  1 
ATOM   487 C CD1 . LEU A 1 86  ? -0.072  -3.081  -6.187  1.00 49.84  ? 206  LEU A CD1 1 
ATOM   488 C CD2 . LEU A 1 86  ? 1.450   -1.983  -4.582  1.00 48.69  ? 206  LEU A CD2 1 
ATOM   489 N N   . MET A 1 87  ? 4.280   -1.108  -9.158  1.00 39.98  ? 207  MET A N   1 
ATOM   490 C CA  . MET A 1 87  ? 5.577   -1.139  -9.863  1.00 57.85  ? 207  MET A CA  1 
ATOM   491 C C   . MET A 1 87  ? 6.536   -0.056  -9.445  1.00 54.02  ? 207  MET A C   1 
ATOM   492 O O   . MET A 1 87  ? 7.703   -0.342  -9.267  1.00 52.81  ? 207  MET A O   1 
ATOM   493 C CB  . MET A 1 87  ? 5.455   -0.883  -11.321 1.00 58.80  ? 207  MET A CB  1 
ATOM   494 C CG  . MET A 1 87  ? 4.598   -1.820  -12.039 1.00 69.90  ? 207  MET A CG  1 
ATOM   495 S SD  . MET A 1 87  ? 4.243   -0.801  -13.440 1.00 106.49 ? 207  MET A SD  1 
ATOM   496 C CE  . MET A 1 87  ? 3.120   -1.970  -14.112 1.00 95.26  ? 207  MET A CE  1 
ATOM   497 N N   . ASP A 1 88  ? 6.030   1.174   -9.315  1.00 44.87  ? 208  ASP A N   1 
ATOM   498 C CA  . ASP A 1 88  ? 6.835   2.325   -9.010  1.00 37.56  ? 208  ASP A CA  1 
ATOM   499 C C   . ASP A 1 88  ? 7.496   1.983   -7.691  1.00 34.91  ? 208  ASP A C   1 
ATOM   500 O O   . ASP A 1 88  ? 8.707   2.123   -7.538  1.00 35.87  ? 208  ASP A O   1 
ATOM   501 C CB  . ASP A 1 88  ? 5.993   3.605   -8.811  1.00 47.56  ? 208  ASP A CB  1 
ATOM   502 C CG  . ASP A 1 88  ? 5.442   4.166   -10.090 1.00 44.23  ? 208  ASP A CG  1 
ATOM   503 O OD1 . ASP A 1 88  ? 6.085   3.981   -11.132 1.00 45.99  ? 208  ASP A OD1 1 
ATOM   504 O OD2 . ASP A 1 88  ? 4.342   4.788   -10.048 1.00 40.87  ? 208  ASP A OD2 1 
ATOM   505 N N   . ILE A 1 89  ? 6.707   1.464   -6.763  1.00 34.58  ? 209  ILE A N   1 
ATOM   506 C CA  . ILE A 1 89  ? 7.232   1.081   -5.463  1.00 43.69  ? 209  ILE A CA  1 
ATOM   507 C C   . ILE A 1 89  ? 8.309   0.013   -5.652  1.00 46.78  ? 209  ILE A C   1 
ATOM   508 O O   . ILE A 1 89  ? 9.419   0.141   -5.126  1.00 44.62  ? 209  ILE A O   1 
ATOM   509 C CB  . ILE A 1 89  ? 6.111   0.571   -4.510  1.00 46.77  ? 209  ILE A CB  1 
ATOM   510 C CG1 . ILE A 1 89  ? 5.091   1.677   -4.239  1.00 43.03  ? 209  ILE A CG1 1 
ATOM   511 C CG2 . ILE A 1 89  ? 6.681   0.097   -3.175  1.00 46.84  ? 209  ILE A CG2 1 
ATOM   512 C CD1 . ILE A 1 89  ? 3.829   1.173   -3.563  1.00 48.04  ? 209  ILE A CD1 1 
ATOM   513 N N   . ALA A 1 90  ? 8.015   -1.036  -6.413  1.00 46.53  ? 210  ALA A N   1 
ATOM   514 C CA  . ALA A 1 90  ? 9.042   -2.050  -6.613  1.00 43.99  ? 210  ALA A CA  1 
ATOM   515 C C   . ALA A 1 90  ? 10.346  -1.441  -7.241  1.00 46.90  ? 210  ALA A C   1 
ATOM   516 O O   . ALA A 1 90  ? 11.489  -1.723  -6.811  1.00 46.90  ? 210  ALA A O   1 
ATOM   517 C CB  . ALA A 1 90  ? 8.466   -3.178  -7.434  1.00 44.76  ? 210  ALA A CB  1 
ATOM   518 N N   . TYR A 1 91  ? 10.169  -0.556  -8.220  1.00 46.23  ? 211  TYR A N   1 
ATOM   519 C CA  . TYR A 1 91  ? 11.297  0.133   -8.856  1.00 37.75  ? 211  TYR A CA  1 
ATOM   520 C C   . TYR A 1 91  ? 12.019  1.094   -7.918  1.00 42.36  ? 211  TYR A C   1 
ATOM   521 O O   . TYR A 1 91  ? 13.239  1.138   -7.889  1.00 50.53  ? 211  TYR A O   1 
ATOM   522 C CB  . TYR A 1 91  ? 10.821  0.858   -10.091 1.00 40.65  ? 211  TYR A CB  1 
ATOM   523 C CG  . TYR A 1 91  ? 11.911  1.541   -10.884 1.00 42.47  ? 211  TYR A CG  1 
ATOM   524 C CD1 . TYR A 1 91  ? 12.656  0.845   -11.853 1.00 41.92  ? 211  TYR A CD1 1 
ATOM   525 C CD2 . TYR A 1 91  ? 12.180  2.900   -10.686 1.00 42.04  ? 211  TYR A CD2 1 
ATOM   526 C CE1 . TYR A 1 91  ? 13.648  1.498   -12.589 1.00 42.30  ? 211  TYR A CE1 1 
ATOM   527 C CE2 . TYR A 1 91  ? 13.151  3.554   -11.416 1.00 47.76  ? 211  TYR A CE2 1 
ATOM   528 C CZ  . TYR A 1 91  ? 13.892  2.863   -12.357 1.00 43.86  ? 211  TYR A CZ  1 
ATOM   529 O OH  . TYR A 1 91  ? 14.881  3.557   -13.028 1.00 42.55  ? 211  TYR A OH  1 
ATOM   530 N N   . ILE A 1 92  ? 11.270  1.837   -7.125  1.00 33.86  ? 212  ILE A N   1 
ATOM   531 C CA  . ILE A 1 92  ? 11.874  2.793   -6.228  1.00 32.45  ? 212  ILE A CA  1 
ATOM   532 C C   . ILE A 1 92  ? 12.644  2.128   -5.140  1.00 35.73  ? 212  ILE A C   1 
ATOM   533 O O   . ILE A 1 92  ? 13.685  2.618   -4.760  1.00 50.67  ? 212  ILE A O   1 
ATOM   534 C CB  . ILE A 1 92  ? 10.817  3.706   -5.558  1.00 44.80  ? 212  ILE A CB  1 
ATOM   535 C CG1 . ILE A 1 92  ? 10.241  4.708   -6.597  1.00 53.02  ? 212  ILE A CG1 1 
ATOM   536 C CG2 . ILE A 1 92  ? 11.417  4.455   -4.364  1.00 39.23  ? 212  ILE A CG2 1 
ATOM   537 C CD1 . ILE A 1 92  ? 8.864   5.251   -6.253  1.00 49.11  ? 212  ILE A CD1 1 
ATOM   538 N N   . TYR A 1 93  ? 12.101  1.056   -4.576  1.00 47.68  ? 213  TYR A N   1 
ATOM   539 C CA  . TYR A 1 93  ? 12.746  0.377   -3.438  1.00 52.48  ? 213  TYR A CA  1 
ATOM   540 C C   . TYR A 1 93  ? 13.515  -0.864  -3.844  1.00 60.27  ? 213  TYR A C   1 
ATOM   541 O O   . TYR A 1 93  ? 13.996  -1.612  -2.987  1.00 64.16  ? 213  TYR A O   1 
ATOM   542 C CB  . TYR A 1 93  ? 11.721  0.081   -2.356  1.00 58.16  ? 213  TYR A CB  1 
ATOM   543 C CG  . TYR A 1 93  ? 11.224  1.367   -1.758  1.00 60.10  ? 213  TYR A CG  1 
ATOM   544 C CD1 . TYR A 1 93  ? 12.055  2.120   -0.920  1.00 56.22  ? 213  TYR A CD1 1 
ATOM   545 C CD2 . TYR A 1 93  ? 9.963   1.880   -2.080  1.00 45.11  ? 213  TYR A CD2 1 
ATOM   546 C CE1 . TYR A 1 93  ? 11.633  3.314   -0.376  1.00 56.08  ? 213  TYR A CE1 1 
ATOM   547 C CE2 . TYR A 1 93  ? 9.533   3.091   -1.536  1.00 57.03  ? 213  TYR A CE2 1 
ATOM   548 C CZ  . TYR A 1 93  ? 10.378  3.801   -0.685  1.00 55.17  ? 213  TYR A CZ  1 
ATOM   549 O OH  . TYR A 1 93  ? 9.993   4.994   -0.138  1.00 68.02  ? 213  TYR A OH  1 
ATOM   550 N N   . THR A 1 94  ? 13.662  -1.046  -5.155  1.00 53.07  ? 214  THR A N   1 
ATOM   551 C CA  . THR A 1 94  ? 14.530  -2.038  -5.707  1.00 53.24  ? 214  THR A CA  1 
ATOM   552 C C   . THR A 1 94  ? 14.227  -3.430  -5.103  1.00 56.41  ? 214  THR A C   1 
ATOM   553 O O   . THR A 1 94  ? 15.114  -4.219  -4.762  1.00 66.29  ? 214  THR A O   1 
ATOM   554 C CB  . THR A 1 94  ? 16.024  -1.564  -5.673  1.00 45.39  ? 214  THR A CB  1 
ATOM   555 O OG1 . THR A 1 94  ? 16.859  -2.533  -6.321  1.00 48.31  ? 214  THR A OG1 1 
ATOM   556 C CG2 . THR A 1 94  ? 16.574  -1.305  -4.310  1.00 53.36  ? 214  THR A CG2 1 
ATOM   557 N N   . TRP A 1 95  ? 12.938  -3.707  -5.001  1.00 51.73  ? 215  TRP A N   1 
ATOM   558 C CA  . TRP A 1 95  ? 12.425  -5.025  -4.650  1.00 66.61  ? 215  TRP A CA  1 
ATOM   559 C C   . TRP A 1 95  ? 12.844  -6.049  -5.694  1.00 77.15  ? 215  TRP A C   1 
ATOM   560 O O   . TRP A 1 95  ? 12.643  -5.832  -6.892  1.00 69.82  ? 215  TRP A O   1 
ATOM   561 C CB  . TRP A 1 95  ? 10.913  -4.969  -4.635  1.00 58.07  ? 215  TRP A CB  1 
ATOM   562 C CG  . TRP A 1 95  ? 10.192  -6.169  -4.110  1.00 56.31  ? 215  TRP A CG  1 
ATOM   563 C CD1 . TRP A 1 95  ? 10.243  -6.694  -2.836  1.00 52.19  ? 215  TRP A CD1 1 
ATOM   564 C CD2 . TRP A 1 95  ? 9.219   -6.938  -4.827  1.00 41.92  ? 215  TRP A CD2 1 
ATOM   565 N NE1 . TRP A 1 95  ? 9.370   -7.755  -2.740  1.00 63.38  ? 215  TRP A NE1 1 
ATOM   566 C CE2 . TRP A 1 95  ? 8.723   -7.910  -3.947  1.00 49.34  ? 215  TRP A CE2 1 
ATOM   567 C CE3 . TRP A 1 95  ? 8.686   -6.865  -6.133  1.00 56.83  ? 215  TRP A CE3 1 
ATOM   568 C CZ2 . TRP A 1 95  ? 7.745   -8.834  -4.339  1.00 54.07  ? 215  TRP A CZ2 1 
ATOM   569 C CZ3 . TRP A 1 95  ? 7.700   -7.781  -6.515  1.00 59.18  ? 215  TRP A CZ3 1 
ATOM   570 C CH2 . TRP A 1 95  ? 7.244   -8.751  -5.619  1.00 51.51  ? 215  TRP A CH2 1 
ATOM   571 N N   . ARG A 1 96  ? 13.368  -7.177  -5.228  1.00 84.16  ? 216  ARG A N   1 
ATOM   572 C CA  . ARG A 1 96  ? 13.939  -8.202  -6.098  1.00 87.73  ? 216  ARG A CA  1 
ATOM   573 C C   . ARG A 1 96  ? 13.017  -9.423  -6.291  1.00 82.60  ? 216  ARG A C   1 
ATOM   574 O O   . ARG A 1 96  ? 13.510  -10.510 -6.560  1.00 70.92  ? 216  ARG A O   1 
ATOM   575 C CB  . ARG A 1 96  ? 15.296  -8.655  -5.509  1.00 76.59  ? 216  ARG A CB  1 
ATOM   576 N N   . ARG A 1 97  ? 11.697  -9.254  -6.166  1.00 72.01  ? 217  ARG A N   1 
ATOM   577 C CA  . ARG A 1 97  ? 10.751  -10.386 -6.173  1.00 70.53  ? 217  ARG A CA  1 
ATOM   578 C C   . ARG A 1 97  ? 11.170  -11.555 -5.258  1.00 66.06  ? 217  ARG A C   1 
ATOM   579 O O   . ARG A 1 97  ? 10.964  -12.721 -5.590  1.00 73.68  ? 217  ARG A O   1 
ATOM   580 C CB  . ARG A 1 97  ? 10.512  -10.879 -7.608  1.00 65.57  ? 217  ARG A CB  1 
ATOM   581 N N   . ASN A 1 98  ? 11.790  -11.222 -4.131  1.00 73.24  ? 218  ASN A N   1 
ATOM   582 C CA  . ASN A 1 98  ? 12.042  -12.171 -3.057  1.00 111.56 ? 218  ASN A CA  1 
ATOM   583 C C   . ASN A 1 98  ? 10.901  -11.921 -2.079  1.00 110.47 ? 218  ASN A C   1 
ATOM   584 O O   . ASN A 1 98  ? 10.884  -10.909 -1.366  1.00 129.99 ? 218  ASN A O   1 
ATOM   585 C CB  . ASN A 1 98  ? 13.418  -11.935 -2.405  1.00 125.41 ? 218  ASN A CB  1 
ATOM   586 C CG  . ASN A 1 98  ? 13.555  -12.598 -1.035  1.00 116.90 ? 218  ASN A CG  1 
ATOM   587 O OD1 . ASN A 1 98  ? 12.773  -13.466 -0.677  1.00 102.30 ? 218  ASN A OD1 1 
ATOM   588 N ND2 . ASN A 1 98  ? 14.546  -12.172 -0.260  1.00 114.94 ? 218  ASN A ND2 1 
ATOM   589 N N   . GLY A 1 99  ? 9.932   -12.827 -2.076  1.00 72.32  ? 219  GLY A N   1 
ATOM   590 C CA  . GLY A 1 99  ? 8.759   -12.684 -1.239  1.00 61.09  ? 219  GLY A CA  1 
ATOM   591 C C   . GLY A 1 99  ? 7.805   -11.633 -1.755  1.00 70.08  ? 219  GLY A C   1 
ATOM   592 O O   . GLY A 1 99  ? 8.042   -11.054 -2.798  1.00 68.59  ? 219  GLY A O   1 
ATOM   593 N N   . PRO A 1 100 ? 6.690   -11.418 -1.044  1.00 69.61  ? 220  PRO A N   1 
ATOM   594 C CA  . PRO A 1 100 ? 5.776   -10.358 -1.407  1.00 58.14  ? 220  PRO A CA  1 
ATOM   595 C C   . PRO A 1 100 ? 6.277   -8.983  -0.960  1.00 46.77  ? 220  PRO A C   1 
ATOM   596 O O   . PRO A 1 100 ? 6.918   -8.859  0.074   1.00 51.12  ? 220  PRO A O   1 
ATOM   597 C CB  . PRO A 1 100 ? 4.521   -10.744 -0.646  1.00 56.33  ? 220  PRO A CB  1 
ATOM   598 C CG  . PRO A 1 100 ? 5.024   -11.437 0.550   1.00 68.74  ? 220  PRO A CG  1 
ATOM   599 C CD  . PRO A 1 100 ? 6.116   -12.274 0.009   1.00 62.62  ? 220  PRO A CD  1 
ATOM   600 N N   . LEU A 1 101 ? 5.953   -7.963  -1.737  1.00 50.42  ? 221  LEU A N   1 
ATOM   601 C CA  . LEU A 1 101 ? 6.272   -6.585  -1.404  1.00 46.00  ? 221  LEU A CA  1 
ATOM   602 C C   . LEU A 1 101 ? 5.648   -6.231  -0.053  1.00 48.57  ? 221  LEU A C   1 
ATOM   603 O O   . LEU A 1 101 ? 4.436   -6.275  0.087   1.00 40.76  ? 221  LEU A O   1 
ATOM   604 C CB  . LEU A 1 101 ? 5.708   -5.685  -2.478  1.00 54.89  ? 221  LEU A CB  1 
ATOM   605 C CG  . LEU A 1 101 ? 6.016   -4.202  -2.442  1.00 51.84  ? 221  LEU A CG  1 
ATOM   606 C CD1 . LEU A 1 101 ? 7.473   -3.946  -2.787  1.00 66.53  ? 221  LEU A CD1 1 
ATOM   607 C CD2 . LEU A 1 101 ? 5.121   -3.529  -3.466  1.00 55.04  ? 221  LEU A CD2 1 
ATOM   608 N N   . PRO A 1 102 ? 6.480   -5.927  0.964   1.00 49.06  ? 222  PRO A N   1 
ATOM   609 C CA  . PRO A 1 102 ? 5.919   -5.677  2.274   1.00 50.41  ? 222  PRO A CA  1 
ATOM   610 C C   . PRO A 1 102 ? 5.512   -4.218  2.431   1.00 61.47  ? 222  PRO A C   1 
ATOM   611 O O   . PRO A 1 102 ? 6.373   -3.327  2.442   1.00 54.66  ? 222  PRO A O   1 
ATOM   612 C CB  . PRO A 1 102 ? 7.067   -6.029  3.208   1.00 46.81  ? 222  PRO A CB  1 
ATOM   613 C CG  . PRO A 1 102 ? 8.285   -5.692  2.427   1.00 42.52  ? 222  PRO A CG  1 
ATOM   614 C CD  . PRO A 1 102 ? 7.944   -5.767  0.976   1.00 44.79  ? 222  PRO A CD  1 
ATOM   615 N N   . LEU A 1 103 ? 4.198   -3.995  2.520   1.00 52.52  ? 223  LEU A N   1 
ATOM   616 C CA  . LEU A 1 103 ? 3.644   -2.706  2.849   1.00 42.91  ? 223  LEU A CA  1 
ATOM   617 C C   . LEU A 1 103 ? 3.041   -2.627  4.255   1.00 38.82  ? 223  LEU A C   1 
ATOM   618 O O   . LEU A 1 103 ? 2.494   -3.595  4.799   1.00 46.27  ? 223  LEU A O   1 
ATOM   619 C CB  . LEU A 1 103 ? 2.606   -2.305  1.794   1.00 42.55  ? 223  LEU A CB  1 
ATOM   620 C CG  . LEU A 1 103 ? 3.154   -2.074  0.394   1.00 39.24  ? 223  LEU A CG  1 
ATOM   621 C CD1 . LEU A 1 103 ? 2.096   -1.431  -0.450  1.00 36.53  ? 223  LEU A CD1 1 
ATOM   622 C CD2 . LEU A 1 103 ? 4.388   -1.176  0.394   1.00 45.08  ? 223  LEU A CD2 1 
ATOM   623 N N   . LYS A 1 104 ? 3.149   -1.445  4.834   1.00 38.74  ? 224  LYS A N   1 
ATOM   624 C CA  . LYS A 1 104 ? 2.567   -1.175  6.105   1.00 49.12  ? 224  LYS A CA  1 
ATOM   625 C C   . LYS A 1 104 ? 1.644   0.034   6.036   1.00 54.70  ? 224  LYS A C   1 
ATOM   626 O O   . LYS A 1 104 ? 1.601   0.771   5.045   1.00 50.00  ? 224  LYS A O   1 
ATOM   627 C CB  . LYS A 1 104 ? 3.668   -1.034  7.136   1.00 54.38  ? 224  LYS A CB  1 
ATOM   628 C CG  . LYS A 1 104 ? 3.966   -2.366  7.804   1.00 76.23  ? 224  LYS A CG  1 
ATOM   629 C CD  . LYS A 1 104 ? 5.248   -2.341  8.630   1.00 106.89 ? 224  LYS A CD  1 
ATOM   630 C CE  . LYS A 1 104 ? 5.094   -3.041  9.983   1.00 119.87 ? 224  LYS A CE  1 
ATOM   631 N NZ  . LYS A 1 104 ? 6.085   -2.608  11.016  1.00 101.47 ? 224  LYS A NZ  1 
ATOM   632 N N   . TYR A 1 105 ? 0.851   0.193   7.080   1.00 45.92  ? 225  TYR A N   1 
ATOM   633 C CA  . TYR A 1 105 ? -0.125  1.266   7.108   1.00 44.59  ? 225  TYR A CA  1 
ATOM   634 C C   . TYR A 1 105 ? -0.478  1.659   8.504   1.00 41.21  ? 225  TYR A C   1 
ATOM   635 O O   . TYR A 1 105 ? -0.315  0.895   9.459   1.00 45.16  ? 225  TYR A O   1 
ATOM   636 C CB  . TYR A 1 105 ? -1.402  0.900   6.354   1.00 38.08  ? 225  TYR A CB  1 
ATOM   637 C CG  . TYR A 1 105 ? -2.424  0.171   7.168   1.00 38.60  ? 225  TYR A CG  1 
ATOM   638 C CD1 . TYR A 1 105 ? -2.376  -1.231  7.306   1.00 51.39  ? 225  TYR A CD1 1 
ATOM   639 C CD2 . TYR A 1 105 ? -3.456  0.858   7.796   1.00 42.20  ? 225  TYR A CD2 1 
ATOM   640 C CE1 . TYR A 1 105 ? -3.338  -1.924  8.045   1.00 41.22  ? 225  TYR A CE1 1 
ATOM   641 C CE2 . TYR A 1 105 ? -4.424  0.179   8.534   1.00 51.11  ? 225  TYR A CE2 1 
ATOM   642 C CZ  . TYR A 1 105 ? -4.362  -1.207  8.658   1.00 49.40  ? 225  TYR A CZ  1 
ATOM   643 O OH  . TYR A 1 105 ? -5.326  -1.845  9.410   1.00 56.76  ? 225  TYR A OH  1 
ATOM   644 N N   . ARG A 1 106 ? -1.025  2.859   8.585   1.00 52.37  ? 226  ARG A N   1 
ATOM   645 C CA  . ARG A 1 106 ? -1.183  3.549   9.847   1.00 45.88  ? 226  ARG A CA  1 
ATOM   646 C C   . ARG A 1 106 ? -2.236  4.626   9.666   1.00 40.44  ? 226  ARG A C   1 
ATOM   647 O O   . ARG A 1 106 ? -2.452  5.101   8.543   1.00 38.12  ? 226  ARG A O   1 
ATOM   648 C CB  . ARG A 1 106 ? 0.188   4.083   10.244  1.00 48.45  ? 226  ARG A CB  1 
ATOM   649 C CG  . ARG A 1 106 ? 0.241   5.343   11.054  1.00 54.49  ? 226  ARG A CG  1 
ATOM   650 C CD  . ARG A 1 106 ? 1.666   5.860   11.152  1.00 50.22  ? 226  ARG A CD  1 
ATOM   651 N NE  . ARG A 1 106 ? 2.038   6.616   9.952   1.00 55.07  ? 226  ARG A NE  1 
ATOM   652 C CZ  . ARG A 1 106 ? 3.079   7.447   9.857   1.00 67.31  ? 226  ARG A CZ  1 
ATOM   653 N NH1 . ARG A 1 106 ? 3.903   7.634   10.890  1.00 76.24  ? 226  ARG A NH1 1 
ATOM   654 N NH2 . ARG A 1 106 ? 3.316   8.094   8.712   1.00 55.96  ? 226  ARG A NH2 1 
ATOM   655 N N   . VAL A 1 107 ? -2.932  4.928   10.764  1.00 43.57  ? 227  VAL A N   1 
ATOM   656 C CA  . VAL A 1 107 ? -3.966  5.963   10.822  1.00 43.50  ? 227  VAL A CA  1 
ATOM   657 C C   . VAL A 1 107 ? -3.583  7.109   11.778  1.00 58.18  ? 227  VAL A C   1 
ATOM   658 O O   . VAL A 1 107 ? -3.037  6.882   12.872  1.00 58.41  ? 227  VAL A O   1 
ATOM   659 C CB  . VAL A 1 107 ? -5.352  5.416   11.239  1.00 43.54  ? 227  VAL A CB  1 
ATOM   660 C CG1 . VAL A 1 107 ? -5.759  4.264   10.356  1.00 45.71  ? 227  VAL A CG1 1 
ATOM   661 C CG2 . VAL A 1 107 ? -5.399  5.005   12.702  1.00 46.74  ? 227  VAL A CG2 1 
ATOM   662 N N   . ARG A 1 108 ? -3.879  8.328   11.342  1.00 48.40  ? 228  ARG A N   1 
ATOM   663 C CA  . ARG A 1 108 ? -3.675  9.542   12.133  1.00 51.64  ? 228  ARG A CA  1 
ATOM   664 C C   . ARG A 1 108 ? -4.964  10.333  12.089  1.00 49.52  ? 228  ARG A C   1 
ATOM   665 O O   . ARG A 1 108 ? -5.644  10.290  11.066  1.00 58.10  ? 228  ARG A O   1 
ATOM   666 C CB  . ARG A 1 108 ? -2.577  10.422  11.542  1.00 68.67  ? 228  ARG A CB  1 
ATOM   667 C CG  . ARG A 1 108 ? -1.153  9.879   11.670  1.00 76.07  ? 228  ARG A CG  1 
ATOM   668 C CD  . ARG A 1 108 ? -0.178  10.720  10.861  1.00 61.16  ? 228  ARG A CD  1 
ATOM   669 N NE  . ARG A 1 108 ? -0.676  10.886  9.495   1.00 68.38  ? 228  ARG A NE  1 
ATOM   670 C CZ  . ARG A 1 108 ? -0.830  12.028  8.824   1.00 88.26  ? 228  ARG A CZ  1 
ATOM   671 N NH1 . ARG A 1 108 ? -0.485  13.211  9.345   1.00 108.32 ? 228  ARG A NH1 1 
ATOM   672 N NH2 . ARG A 1 108 ? -1.310  11.976  7.577   1.00 73.66  ? 228  ARG A NH2 1 
ATOM   673 N N   . PRO A 1 109 ? -5.310  11.053  13.185  1.00 51.29  ? 229  PRO A N   1 
ATOM   674 C CA  . PRO A 1 109 ? -6.449  11.962  13.123  1.00 58.45  ? 229  PRO A CA  1 
ATOM   675 C C   . PRO A 1 109 ? -6.188  13.010  12.067  1.00 53.15  ? 229  PRO A C   1 
ATOM   676 O O   . PRO A 1 109 ? -5.064  13.451  11.945  1.00 58.94  ? 229  PRO A O   1 
ATOM   677 C CB  . PRO A 1 109 ? -6.444  12.642  14.496  1.00 50.49  ? 229  PRO A CB  1 
ATOM   678 C CG  . PRO A 1 109 ? -5.463  11.902  15.333  1.00 58.85  ? 229  PRO A CG  1 
ATOM   679 C CD  . PRO A 1 109 ? -4.491  11.312  14.383  1.00 58.90  ? 229  PRO A CD  1 
ATOM   680 N N   . THR A 1 110 ? -7.200  13.382  11.300  1.00 56.43  ? 230  THR A N   1 
ATOM   681 C CA  . THR A 1 110 ? -7.038  14.474  10.338  1.00 74.01  ? 230  THR A CA  1 
ATOM   682 C C   . THR A 1 110 ? -7.488  15.852  10.894  1.00 82.72  ? 230  THR A C   1 
ATOM   683 O O   . THR A 1 110 ? -8.306  15.926  11.815  1.00 86.32  ? 230  THR A O   1 
ATOM   684 C CB  . THR A 1 110 ? -7.704  14.140  8.994   1.00 73.74  ? 230  THR A CB  1 
ATOM   685 O OG1 . THR A 1 110 ? -7.720  15.305  8.173   1.00 73.02  ? 230  THR A OG1 1 
ATOM   686 C CG2 . THR A 1 110 ? -9.116  13.606  9.148   1.00 72.66  ? 230  THR A CG2 1 
ATOM   687 N N   . CYS A 1 111 ? -6.903  16.921  10.344  1.00 101.13 ? 231  CYS A N   1 
ATOM   688 C CA  . CYS A 1 111 ? -7.337  18.333  10.534  1.00 93.35  ? 231  CYS A CA  1 
ATOM   689 C C   . CYS A 1 111 ? -6.300  19.261  9.932   1.00 84.65  ? 231  CYS A C   1 
ATOM   690 O O   . CYS A 1 111 ? -5.582  18.866  9.018   1.00 89.84  ? 231  CYS A O   1 
ATOM   691 C CB  . CYS A 1 111 ? -7.600  18.728  12.004  1.00 111.79 ? 231  CYS A CB  1 
ATOM   692 S SG  . CYS A 1 111 ? -9.360  18.892  12.429  1.00 105.29 ? 231  CYS A SG  1 
HETATM 693 O O   . HOH B 2 .   ? 8.815   -11.106 -15.560 1.00 71.19  ? 2001 HOH A O   1 
HETATM 694 O O   . HOH B 2 .   ? 1.395   -12.444 -1.312  1.00 49.65  ? 2002 HOH A O   1 
HETATM 695 O O   . HOH B 2 .   ? 2.117   -13.664 -7.214  1.00 64.19  ? 2003 HOH A O   1 
HETATM 696 O O   . HOH B 2 .   ? 3.290   -6.144  5.136   1.00 48.95  ? 2004 HOH A O   1 
HETATM 697 O O   . HOH B 2 .   ? -2.520  -5.994  11.129  1.00 61.92  ? 2005 HOH A O   1 
HETATM 698 O O   . HOH B 2 .   ? -3.397  -7.721  8.543   1.00 66.45  ? 2006 HOH A O   1 
HETATM 699 O O   . HOH B 2 .   ? -4.621  6.460   -8.137  1.00 44.80  ? 2007 HOH A O   1 
HETATM 700 O O   . HOH B 2 .   ? -3.203  10.248  3.451   1.00 69.71  ? 2008 HOH A O   1 
HETATM 701 O O   . HOH B 2 .   ? -6.455  8.415   -1.470  1.00 47.27  ? 2009 HOH A O   1 
HETATM 702 O O   . HOH B 2 .   ? 0.492   7.004   2.023   1.00 45.36  ? 2010 HOH A O   1 
HETATM 703 O O   . HOH B 2 .   ? -12.030 -0.151  -2.141  1.00 50.85  ? 2011 HOH A O   1 
HETATM 704 O O   . HOH B 2 .   ? -10.112 7.286   1.087   1.00 62.78  ? 2012 HOH A O   1 
HETATM 705 O O   . HOH B 2 .   ? -6.224  9.667   3.834   1.00 51.28  ? 2013 HOH A O   1 
HETATM 706 O O   . HOH B 2 .   ? -11.888 -6.186  8.628   1.00 73.00  ? 2014 HOH A O   1 
HETATM 707 O O   . HOH B 2 .   ? -17.685 4.025   11.005  0.50 64.21  ? 2015 HOH A O   1 
HETATM 708 O O   . HOH B 2 .   ? -17.329 -1.954  11.804  1.00 59.41  ? 2016 HOH A O   1 
HETATM 709 O O   . HOH B 2 .   ? -15.048 4.461   6.123   1.00 70.56  ? 2017 HOH A O   1 
HETATM 710 O O   . HOH B 2 .   ? -10.788 11.823  5.038   1.00 60.87  ? 2018 HOH A O   1 
HETATM 711 O O   . HOH B 2 .   ? 13.419  2.839   7.130   1.00 87.17  ? 2019 HOH A O   1 
HETATM 712 O O   . HOH B 2 .   ? 7.214   6.721   9.935   1.00 49.87  ? 2020 HOH A O   1 
HETATM 713 O O   . HOH B 2 .   ? 9.281   9.135   2.373   1.00 67.78  ? 2021 HOH A O   1 
HETATM 714 O O   . HOH B 2 .   ? 2.681   11.272  1.244   1.00 64.36  ? 2022 HOH A O   1 
HETATM 715 O O   . HOH B 2 .   ? 0.757   11.881  -2.004  1.00 53.39  ? 2023 HOH A O   1 
HETATM 716 O O   . HOH B 2 .   ? -3.599  8.891   -7.172  1.00 63.00  ? 2024 HOH A O   1 
HETATM 717 O O   . HOH B 2 .   ? -5.471  -5.351  6.377   1.00 62.60  ? 2025 HOH A O   1 
HETATM 718 O O   . HOH B 2 .   ? 3.963   3.146   -13.331 1.00 69.80  ? 2026 HOH A O   1 
HETATM 719 O O   . HOH B 2 .   ? 8.843   4.539   -11.391 1.00 53.43  ? 2027 HOH A O   1 
HETATM 720 O O   . HOH B 2 .   ? -12.795 5.756   0.234   1.00 64.04  ? 2028 HOH A O   1 
HETATM 721 O O   . HOH B 2 .   ? 15.567  0.204   -0.918  1.00 64.86  ? 2029 HOH A O   1 
HETATM 722 O O   . HOH B 2 .   ? 10.307  7.654   -1.665  1.00 66.73  ? 2030 HOH A O   1 
HETATM 723 O O   . HOH B 2 .   ? -2.030  4.510   14.639  1.00 92.13  ? 2031 HOH A O   1 
HETATM 724 O O   . HOH B 2 .   ? -4.953  14.398  -8.816  1.00 78.68  ? 2032 HOH A O   1 
# 
